data_1D14
# 
_entry.id   1D14 
# 
_audit_conform.dict_name       mmcif_pdbx.dic 
_audit_conform.dict_version    5.385 
_audit_conform.dict_location   http://mmcif.pdb.org/dictionaries/ascii/mmcif_pdbx.dic 
# 
loop_
_database_2.database_id 
_database_2.database_code 
_database_2.pdbx_database_accession 
_database_2.pdbx_DOI 
PDB   1D14         pdb_00001d14 10.2210/pdb1d14/pdb 
RCSB  DDFP21       ?            ?                   
WWPDB D_1000172619 ?            ?                   
# 
loop_
_pdbx_audit_revision_history.ordinal 
_pdbx_audit_revision_history.data_content_type 
_pdbx_audit_revision_history.major_revision 
_pdbx_audit_revision_history.minor_revision 
_pdbx_audit_revision_history.revision_date 
1 'Structure model' 1 0 1990-10-15 
2 'Structure model' 1 1 2008-05-22 
3 'Structure model' 1 2 2011-07-13 
4 'Structure model' 2 0 2024-02-07 
# 
_pdbx_audit_revision_details.ordinal             1 
_pdbx_audit_revision_details.revision_ordinal    1 
_pdbx_audit_revision_details.data_content_type   'Structure model' 
_pdbx_audit_revision_details.provider            repository 
_pdbx_audit_revision_details.type                'Initial release' 
_pdbx_audit_revision_details.description         ? 
_pdbx_audit_revision_details.details             ? 
# 
loop_
_pdbx_audit_revision_group.ordinal 
_pdbx_audit_revision_group.revision_ordinal 
_pdbx_audit_revision_group.data_content_type 
_pdbx_audit_revision_group.group 
1 2 'Structure model' 'Version format compliance' 
2 3 'Structure model' 'Version format compliance' 
3 4 'Structure model' 'Atomic model'              
4 4 'Structure model' 'Data collection'           
5 4 'Structure model' 'Database references'       
6 4 'Structure model' 'Derived calculations'      
# 
loop_
_pdbx_audit_revision_category.ordinal 
_pdbx_audit_revision_category.revision_ordinal 
_pdbx_audit_revision_category.data_content_type 
_pdbx_audit_revision_category.category 
1 4 'Structure model' atom_site      
2 4 'Structure model' chem_comp_atom 
3 4 'Structure model' chem_comp_bond 
4 4 'Structure model' database_2     
5 4 'Structure model' struct_conn    
6 4 'Structure model' struct_site    
# 
loop_
_pdbx_audit_revision_item.ordinal 
_pdbx_audit_revision_item.revision_ordinal 
_pdbx_audit_revision_item.data_content_type 
_pdbx_audit_revision_item.item 
1 4 'Structure model' '_atom_site.occupancy'                
2 4 'Structure model' '_database_2.pdbx_DOI'                
3 4 'Structure model' '_database_2.pdbx_database_accession' 
4 4 'Structure model' '_struct_conn.pdbx_leaving_atom_flag' 
5 4 'Structure model' '_struct_site.pdbx_auth_asym_id'      
6 4 'Structure model' '_struct_site.pdbx_auth_comp_id'      
7 4 'Structure model' '_struct_site.pdbx_auth_seq_id'       
# 
_pdbx_database_status.status_code                     REL 
_pdbx_database_status.entry_id                        1D14 
_pdbx_database_status.recvd_initial_deposition_date   1989-10-20 
_pdbx_database_status.deposit_site                    BNL 
_pdbx_database_status.process_site                    BNL 
_pdbx_database_status.SG_entry                        . 
_pdbx_database_status.pdb_format_compatible           Y 
_pdbx_database_status.status_code_mr                  ? 
_pdbx_database_status.status_code_sf                  ? 
_pdbx_database_status.status_code_cs                  ? 
_pdbx_database_status.status_code_nmr_data            ? 
_pdbx_database_status.methods_development_category    ? 
# 
loop_
_audit_author.name 
_audit_author.pdbx_ordinal 
'Williams, L.D.'      1 
'Egli, M.'            2 
'Ughetto, G.'         3 
'Van Der Marel, G.A.' 4 
'Van Boom, J.H.'      5 
'Quigley, G.J.'       6 
'Wang, A.H.-J.'       7 
'Rich, A.'            8 
'Frederick, C.A.'     9 
# 
_citation.id                        primary 
_citation.title                     'Structure of 11-deoxydaunomycin bound to DNA containing a phosphorothioate.' 
_citation.journal_abbrev            J.Mol.Biol. 
_citation.journal_volume            215 
_citation.page_first                313 
_citation.page_last                 320 
_citation.year                      1990 
_citation.journal_id_ASTM           JMOBAK 
_citation.country                   UK 
_citation.journal_id_ISSN           0022-2836 
_citation.journal_id_CSD            0070 
_citation.book_publisher            ? 
_citation.pdbx_database_id_PubMed   2152325 
_citation.pdbx_database_id_DOI      '10.1016/S0022-2836(05)80349-3' 
# 
loop_
_citation_author.citation_id 
_citation_author.name 
_citation_author.ordinal 
_citation_author.identifier_ORCID 
primary 'Williams, L.D.'      1 ? 
primary 'Egli, M.'            2 ? 
primary 'Ughetto, G.'         3 ? 
primary 'van der Marel, G.A.' 4 ? 
primary 'van Boom, J.H.'      5 ? 
primary 'Quigley, G.J.'       6 ? 
primary 'Wang, A.H.'          7 ? 
primary 'Rich, A.'            8 ? 
primary 'Frederick, C.A.'     9 ? 
# 
loop_
_entity.id 
_entity.type 
_entity.src_method 
_entity.pdbx_description 
_entity.formula_weight 
_entity.pdbx_number_of_molecules 
_entity.pdbx_ec 
_entity.pdbx_mutation 
_entity.pdbx_fragment 
_entity.details 
1 polymer     syn 
;DNA (5'-D(*CP*GP*TP*(AS)P*CP*G)-3')
;
1825.282 1  ? ? ? ? 
2 non-polymer syn 6-DEOXYDAUNOMYCIN                     511.520  1  ? ? ? ? 
3 water       nat water                                 18.015   37 ? ? ? ? 
# 
_entity_poly.entity_id                      1 
_entity_poly.type                           polydeoxyribonucleotide 
_entity_poly.nstd_linkage                   no 
_entity_poly.nstd_monomer                   yes 
_entity_poly.pdbx_seq_one_letter_code       '(DC)(DG)(DT)(AS)(DC)(DG)' 
_entity_poly.pdbx_seq_one_letter_code_can   CGTACG 
_entity_poly.pdbx_strand_id                 A 
_entity_poly.pdbx_target_identifier         ? 
# 
loop_
_pdbx_entity_nonpoly.entity_id 
_pdbx_entity_nonpoly.name 
_pdbx_entity_nonpoly.comp_id 
2 6-DEOXYDAUNOMYCIN DM3 
3 water             HOH 
# 
loop_
_entity_poly_seq.entity_id 
_entity_poly_seq.num 
_entity_poly_seq.mon_id 
_entity_poly_seq.hetero 
1 1 DC n 
1 2 DG n 
1 3 DT n 
1 4 AS n 
1 5 DC n 
1 6 DG n 
# 
loop_
_chem_comp.id 
_chem_comp.type 
_chem_comp.mon_nstd_flag 
_chem_comp.name 
_chem_comp.pdbx_synonyms 
_chem_comp.formula 
_chem_comp.formula_weight 
AS  'DNA linking' n 
;2-DEOXY-ADENOSINE -5'-THIO-MONOPHOSPHATE
;
? 'C10 H14 N5 O5 P S' 347.287 
DC  'DNA linking' y "2'-DEOXYCYTIDINE-5'-MONOPHOSPHATE"        ? 'C9 H14 N3 O7 P'    307.197 
DG  'DNA linking' y "2'-DEOXYGUANOSINE-5'-MONOPHOSPHATE"       ? 'C10 H14 N5 O7 P'   347.221 
DM3 non-polymer   . 6-DEOXYDAUNOMYCIN                          ? 'C27 H29 N O9'      511.520 
DT  'DNA linking' y "THYMIDINE-5'-MONOPHOSPHATE"               ? 'C10 H15 N2 O8 P'   322.208 
HOH non-polymer   . WATER                                      ? 'H2 O'              18.015  
# 
loop_
_pdbx_poly_seq_scheme.asym_id 
_pdbx_poly_seq_scheme.entity_id 
_pdbx_poly_seq_scheme.seq_id 
_pdbx_poly_seq_scheme.mon_id 
_pdbx_poly_seq_scheme.ndb_seq_num 
_pdbx_poly_seq_scheme.pdb_seq_num 
_pdbx_poly_seq_scheme.auth_seq_num 
_pdbx_poly_seq_scheme.pdb_mon_id 
_pdbx_poly_seq_scheme.auth_mon_id 
_pdbx_poly_seq_scheme.pdb_strand_id 
_pdbx_poly_seq_scheme.pdb_ins_code 
_pdbx_poly_seq_scheme.hetero 
A 1 1 DC 1 1 1 DC C  A . n 
A 1 2 DG 2 2 2 DG G  A . n 
A 1 3 DT 3 3 3 DT T  A . n 
A 1 4 AS 4 4 4 AS +A A . n 
A 1 5 DC 5 5 5 DC C  A . n 
A 1 6 DG 6 6 6 DG G  A . n 
# 
loop_
_pdbx_nonpoly_scheme.asym_id 
_pdbx_nonpoly_scheme.entity_id 
_pdbx_nonpoly_scheme.mon_id 
_pdbx_nonpoly_scheme.ndb_seq_num 
_pdbx_nonpoly_scheme.pdb_seq_num 
_pdbx_nonpoly_scheme.auth_seq_num 
_pdbx_nonpoly_scheme.pdb_mon_id 
_pdbx_nonpoly_scheme.auth_mon_id 
_pdbx_nonpoly_scheme.pdb_strand_id 
_pdbx_nonpoly_scheme.pdb_ins_code 
B 2 DM3 1  7  7  DM3 DM3 A . 
C 3 HOH 1  8  8  HOH HOH A . 
C 3 HOH 2  9  9  HOH HOH A . 
C 3 HOH 3  10 10 HOH HOH A . 
C 3 HOH 4  11 11 HOH HOH A . 
C 3 HOH 5  12 12 HOH HOH A . 
C 3 HOH 6  13 13 HOH HOH A . 
C 3 HOH 7  14 14 HOH HOH A . 
C 3 HOH 8  15 15 HOH HOH A . 
C 3 HOH 9  16 16 HOH HOH A . 
C 3 HOH 10 17 17 HOH HOH A . 
C 3 HOH 11 18 18 HOH HOH A . 
C 3 HOH 12 19 19 HOH HOH A . 
C 3 HOH 13 20 20 HOH HOH A . 
C 3 HOH 14 21 21 HOH HOH A . 
C 3 HOH 15 22 22 HOH HOH A . 
C 3 HOH 16 23 23 HOH HOH A . 
C 3 HOH 17 24 24 HOH HOH A . 
C 3 HOH 18 25 25 HOH HOH A . 
C 3 HOH 19 26 26 HOH HOH A . 
C 3 HOH 20 27 27 HOH HOH A . 
C 3 HOH 21 28 28 HOH HOH A . 
C 3 HOH 22 29 29 HOH HOH A . 
C 3 HOH 23 30 30 HOH HOH A . 
C 3 HOH 24 31 31 HOH HOH A . 
C 3 HOH 25 32 32 HOH HOH A . 
C 3 HOH 26 33 33 HOH HOH A . 
C 3 HOH 27 34 34 HOH HOH A . 
C 3 HOH 28 35 35 HOH HOH A . 
C 3 HOH 29 36 36 HOH HOH A . 
C 3 HOH 30 37 37 HOH HOH A . 
C 3 HOH 31 38 38 HOH HOH A . 
C 3 HOH 32 39 39 HOH HOH A . 
C 3 HOH 33 40 40 HOH HOH A . 
C 3 HOH 34 41 41 HOH HOH A . 
C 3 HOH 35 42 42 HOH HOH A . 
C 3 HOH 36 43 43 HOH HOH A . 
C 3 HOH 37 44 44 HOH HOH A . 
# 
_software.name             NUCLSQ 
_software.classification   refinement 
_software.version          . 
_software.citation_id      ? 
_software.pdbx_ordinal     1 
# 
_cell.entry_id           1D14 
_cell.length_a           17.730 
_cell.length_b           19.130 
_cell.length_c           26.360 
_cell.angle_alpha        90.00 
_cell.angle_beta         98.01 
_cell.angle_gamma        90.00 
_cell.Z_PDB              2 
_cell.pdbx_unique_axis   ? 
# 
_symmetry.entry_id                         1D14 
_symmetry.space_group_name_H-M             'P 1 2 1' 
_symmetry.pdbx_full_space_group_name_H-M   ? 
_symmetry.cell_setting                     ? 
_symmetry.Int_Tables_number                3 
# 
_exptl.entry_id          1D14 
_exptl.method            'X-RAY DIFFRACTION' 
_exptl.crystals_number   ? 
# 
_exptl_crystal.id                    1 
_exptl_crystal.density_meas          ? 
_exptl_crystal.density_Matthews      2.43 
_exptl_crystal.density_percent_sol   49.28 
_exptl_crystal.description           ? 
# 
_exptl_crystal_grow.crystal_id      1 
_exptl_crystal_grow.method          'VAPOR DIFFUSION' 
_exptl_crystal_grow.temp            ? 
_exptl_crystal_grow.temp_details    'ROOM TEMPERATURE' 
_exptl_crystal_grow.pH              6.00 
_exptl_crystal_grow.pdbx_details    'pH 6.00, VAPOR DIFFUSION' 
_exptl_crystal_grow.pdbx_pH_range   ? 
# 
loop_
_exptl_crystal_grow_comp.crystal_id 
_exptl_crystal_grow_comp.id 
_exptl_crystal_grow_comp.sol_id 
_exptl_crystal_grow_comp.name 
_exptl_crystal_grow_comp.volume 
_exptl_crystal_grow_comp.conc 
_exptl_crystal_grow_comp.details 
1 1 1 WATER           ? ? ? 
1 2 1 MPD             ? ? ? 
1 3 1 'NA CACODYLATE' ? ? ? 
1 4 1 SPERMINE        ? ? ? 
1 5 1 MGCL2           ? ? ? 
1 6 2 WATER           ? ? ? 
1 7 2 MPD             ? ? ? 
# 
_diffrn.id                     1 
_diffrn.ambient_temp           283.00 
_diffrn.ambient_temp_details   ? 
_diffrn.crystal_id             1 
# 
_diffrn_detector.diffrn_id              1 
_diffrn_detector.detector               DIFFRACTOMETER 
_diffrn_detector.type                   'NICOLET P3' 
_diffrn_detector.pdbx_collection_date   ? 
_diffrn_detector.details                ? 
# 
_diffrn_radiation.diffrn_id                        1 
_diffrn_radiation.wavelength_id                    1 
_diffrn_radiation.pdbx_monochromatic_or_laue_m_l   ? 
_diffrn_radiation.monochromator                    ? 
_diffrn_radiation.pdbx_diffrn_protocol             ? 
_diffrn_radiation.pdbx_scattering_type             x-ray 
# 
_diffrn_radiation_wavelength.id           1 
_diffrn_radiation_wavelength.wavelength   . 
_diffrn_radiation_wavelength.wt           1.0 
# 
_diffrn_source.diffrn_id                   1 
_diffrn_source.source                      ? 
_diffrn_source.type                        ? 
_diffrn_source.pdbx_synchrotron_site       ? 
_diffrn_source.pdbx_synchrotron_beamline   ? 
_diffrn_source.pdbx_wavelength             ? 
_diffrn_source.pdbx_wavelength_list        ? 
# 
_reflns.entry_id                     1D14 
_reflns.observed_criterion_sigma_I   ? 
_reflns.observed_criterion_sigma_F   2.000 
_reflns.d_resolution_low             ? 
_reflns.d_resolution_high            1.500 
_reflns.number_obs                   2129 
_reflns.number_all                   ? 
_reflns.percent_possible_obs         ? 
_reflns.pdbx_Rmerge_I_obs            ? 
_reflns.pdbx_Rsym_value              ? 
_reflns.pdbx_netI_over_sigmaI        ? 
_reflns.B_iso_Wilson_estimate        ? 
_reflns.pdbx_redundancy              ? 
_reflns.pdbx_diffrn_id               1 
_reflns.pdbx_ordinal                 1 
# 
_refine.entry_id                                 1D14 
_refine.ls_number_reflns_obs                     2129 
_refine.ls_number_reflns_all                     ? 
_refine.pdbx_ls_sigma_I                          ? 
_refine.pdbx_ls_sigma_F                          2.000 
_refine.pdbx_data_cutoff_high_absF               ? 
_refine.pdbx_data_cutoff_low_absF                ? 
_refine.pdbx_data_cutoff_high_rms_absF           ? 
_refine.ls_d_res_low                             ? 
_refine.ls_d_res_high                            1.500 
_refine.ls_percent_reflns_obs                    ? 
_refine.ls_R_factor_obs                          0.224 
_refine.ls_R_factor_all                          ? 
_refine.ls_R_factor_R_work                       ? 
_refine.ls_R_factor_R_free                       ? 
_refine.ls_R_factor_R_free_error                 ? 
_refine.ls_R_factor_R_free_error_details         ? 
_refine.ls_percent_reflns_R_free                 ? 
_refine.ls_number_reflns_R_free                  ? 
_refine.ls_number_parameters                     ? 
_refine.ls_number_restraints                     ? 
_refine.occupancy_min                            ? 
_refine.occupancy_max                            ? 
_refine.B_iso_mean                               ? 
_refine.aniso_B[1][1]                            ? 
_refine.aniso_B[2][2]                            ? 
_refine.aniso_B[3][3]                            ? 
_refine.aniso_B[1][2]                            ? 
_refine.aniso_B[1][3]                            ? 
_refine.aniso_B[2][3]                            ? 
_refine.solvent_model_details                    ? 
_refine.solvent_model_param_ksol                 ? 
_refine.solvent_model_param_bsol                 ? 
_refine.pdbx_ls_cross_valid_method               ? 
_refine.details                                  ? 
_refine.pdbx_starting_model                      ? 
_refine.pdbx_method_to_determine_struct          ? 
_refine.pdbx_isotropic_thermal_model             ? 
_refine.pdbx_stereochemistry_target_values       ? 
_refine.pdbx_stereochem_target_val_spec_case     ? 
_refine.pdbx_R_Free_selection_details            ? 
_refine.pdbx_overall_ESU_R                       ? 
_refine.pdbx_overall_ESU_R_Free                  ? 
_refine.overall_SU_ML                            ? 
_refine.overall_SU_B                             ? 
_refine.pdbx_refine_id                           'X-RAY DIFFRACTION' 
_refine.pdbx_diffrn_id                           1 
_refine.pdbx_TLS_residual_ADP_flag               ? 
_refine.correlation_coeff_Fo_to_Fc               ? 
_refine.correlation_coeff_Fo_to_Fc_free          ? 
_refine.pdbx_solvent_vdw_probe_radii             ? 
_refine.pdbx_solvent_ion_probe_radii             ? 
_refine.pdbx_solvent_shrinkage_radii             ? 
_refine.pdbx_overall_phase_error                 ? 
_refine.overall_SU_R_Cruickshank_DPI             ? 
_refine.pdbx_overall_SU_R_free_Cruickshank_DPI   ? 
_refine.pdbx_overall_SU_R_Blow_DPI               ? 
_refine.pdbx_overall_SU_R_free_Blow_DPI          ? 
# 
_refine_hist.pdbx_refine_id                   'X-RAY DIFFRACTION' 
_refine_hist.cycle_id                         LAST 
_refine_hist.pdbx_number_atoms_protein        0 
_refine_hist.pdbx_number_atoms_nucleic_acid   119 
_refine_hist.pdbx_number_atoms_ligand         38 
_refine_hist.number_atoms_solvent             37 
_refine_hist.number_atoms_total               194 
_refine_hist.d_res_high                       1.500 
_refine_hist.d_res_low                        . 
# 
_struct.entry_id                  1D14 
_struct.title                     'STRUCTURE OF 11-DEOXYDAUNOMYCIN BOUND TO DNA CONTAINING A PHOSPHOROTHIOATE' 
_struct.pdbx_model_details        ? 
_struct.pdbx_CASP_flag            ? 
_struct.pdbx_model_type_details   ? 
# 
_struct_keywords.entry_id        1D14 
_struct_keywords.pdbx_keywords   DNA 
_struct_keywords.text            'RIGHT HANDED DNA, DOUBLE HELIX, COMPLEXED WITH DRUG, MODIFIED, DNA' 
# 
loop_
_struct_asym.id 
_struct_asym.pdbx_blank_PDB_chainid_flag 
_struct_asym.pdbx_modified 
_struct_asym.entity_id 
_struct_asym.details 
A N N 1 ? 
B N N 2 ? 
C N N 3 ? 
# 
_struct_ref.id                         1 
_struct_ref.entity_id                  1 
_struct_ref.db_name                    PDB 
_struct_ref.db_code                    1D14 
_struct_ref.pdbx_db_accession          1D14 
_struct_ref.pdbx_db_isoform            ? 
_struct_ref.pdbx_seq_one_letter_code   ? 
_struct_ref.pdbx_align_begin           ? 
# 
_struct_ref_seq.align_id                      1 
_struct_ref_seq.ref_id                        1 
_struct_ref_seq.pdbx_PDB_id_code              1D14 
_struct_ref_seq.pdbx_strand_id                A 
_struct_ref_seq.seq_align_beg                 1 
_struct_ref_seq.pdbx_seq_align_beg_ins_code   ? 
_struct_ref_seq.seq_align_end                 6 
_struct_ref_seq.pdbx_seq_align_end_ins_code   ? 
_struct_ref_seq.pdbx_db_accession             1D14 
_struct_ref_seq.db_align_beg                  1 
_struct_ref_seq.pdbx_db_align_beg_ins_code    ? 
_struct_ref_seq.db_align_end                  6 
_struct_ref_seq.pdbx_db_align_end_ins_code    ? 
_struct_ref_seq.pdbx_auth_seq_align_beg       1 
_struct_ref_seq.pdbx_auth_seq_align_end       6 
# 
_pdbx_struct_assembly.id                   1 
_pdbx_struct_assembly.details              author_defined_assembly 
_pdbx_struct_assembly.method_details       ? 
_pdbx_struct_assembly.oligomeric_details   dimeric 
_pdbx_struct_assembly.oligomeric_count     2 
# 
_pdbx_struct_assembly_gen.assembly_id       1 
_pdbx_struct_assembly_gen.oper_expression   1,2 
_pdbx_struct_assembly_gen.asym_id_list      A,B,C 
# 
loop_
_pdbx_struct_oper_list.id 
_pdbx_struct_oper_list.type 
_pdbx_struct_oper_list.name 
_pdbx_struct_oper_list.symmetry_operation 
_pdbx_struct_oper_list.matrix[1][1] 
_pdbx_struct_oper_list.matrix[1][2] 
_pdbx_struct_oper_list.matrix[1][3] 
_pdbx_struct_oper_list.vector[1] 
_pdbx_struct_oper_list.matrix[2][1] 
_pdbx_struct_oper_list.matrix[2][2] 
_pdbx_struct_oper_list.matrix[2][3] 
_pdbx_struct_oper_list.vector[2] 
_pdbx_struct_oper_list.matrix[3][1] 
_pdbx_struct_oper_list.matrix[3][2] 
_pdbx_struct_oper_list.matrix[3][3] 
_pdbx_struct_oper_list.vector[3] 
1 'identity operation'         1_555 x,y,z       1.0000000000  0.0000000000  0.0000000000 0.0000000000  0.0000000000  1.0000000000  0.0000000000  0.0000000000 0.0000000000 0.0000000000  1.0000000000 0.0000000000 
2 'crystal symmetry operation' 2_757 -x+2,y,-z+2 -0.6197173712 -0.1171637446 0.7760303067 -4.8943904325 -0.1171637446 -0.9639022611 -0.2390922165 2.9487943312 0.7760303067 -0.2390922165 0.5836196323 2.8436304963 
# 
_struct_biol.id   1 
# 
loop_
_struct_conn.id 
_struct_conn.conn_type_id 
_struct_conn.pdbx_leaving_atom_flag 
_struct_conn.pdbx_PDB_id 
_struct_conn.ptnr1_label_asym_id 
_struct_conn.ptnr1_label_comp_id 
_struct_conn.ptnr1_label_seq_id 
_struct_conn.ptnr1_label_atom_id 
_struct_conn.pdbx_ptnr1_label_alt_id 
_struct_conn.pdbx_ptnr1_PDB_ins_code 
_struct_conn.pdbx_ptnr1_standard_comp_id 
_struct_conn.ptnr1_symmetry 
_struct_conn.ptnr2_label_asym_id 
_struct_conn.ptnr2_label_comp_id 
_struct_conn.ptnr2_label_seq_id 
_struct_conn.ptnr2_label_atom_id 
_struct_conn.pdbx_ptnr2_label_alt_id 
_struct_conn.pdbx_ptnr2_PDB_ins_code 
_struct_conn.ptnr1_auth_asym_id 
_struct_conn.ptnr1_auth_comp_id 
_struct_conn.ptnr1_auth_seq_id 
_struct_conn.ptnr2_auth_asym_id 
_struct_conn.ptnr2_auth_comp_id 
_struct_conn.ptnr2_auth_seq_id 
_struct_conn.ptnr2_symmetry 
_struct_conn.pdbx_ptnr3_label_atom_id 
_struct_conn.pdbx_ptnr3_label_seq_id 
_struct_conn.pdbx_ptnr3_label_comp_id 
_struct_conn.pdbx_ptnr3_label_asym_id 
_struct_conn.pdbx_ptnr3_label_alt_id 
_struct_conn.pdbx_ptnr3_PDB_ins_code 
_struct_conn.details 
_struct_conn.pdbx_dist_value 
_struct_conn.pdbx_value_order 
_struct_conn.pdbx_role 
covale1  covale both ? A DT 3 "O3'" ? ? ? 1_555 A AS 4 P  ? ? A DT 3 A AS 4 1_555 ? ? ? ? ? ? ?            1.557 ? ? 
covale2  covale both ? A AS 4 "O3'" ? ? ? 1_555 A DC 5 P  ? ? A AS 4 A DC 5 1_555 ? ? ? ? ? ? ?            1.575 ? ? 
hydrog1  hydrog ?    ? A DC 1 N3    ? ? ? 1_555 A DG 6 N1 ? ? A DC 1 A DG 6 2_757 ? ? ? ? ? ? WATSON-CRICK ?     ? ? 
hydrog2  hydrog ?    ? A DC 1 N4    ? ? ? 1_555 A DG 6 O6 ? ? A DC 1 A DG 6 2_757 ? ? ? ? ? ? WATSON-CRICK ?     ? ? 
hydrog3  hydrog ?    ? A DC 1 O2    ? ? ? 1_555 A DG 6 N2 ? ? A DC 1 A DG 6 2_757 ? ? ? ? ? ? WATSON-CRICK ?     ? ? 
hydrog4  hydrog ?    ? A DG 2 N1    ? ? ? 1_555 A DC 5 N3 ? ? A DG 2 A DC 5 2_757 ? ? ? ? ? ? WATSON-CRICK ?     ? ? 
hydrog5  hydrog ?    ? A DG 2 N2    ? ? ? 1_555 A DC 5 O2 ? ? A DG 2 A DC 5 2_757 ? ? ? ? ? ? WATSON-CRICK ?     ? ? 
hydrog6  hydrog ?    ? A DG 2 O6    ? ? ? 1_555 A DC 5 N4 ? ? A DG 2 A DC 5 2_757 ? ? ? ? ? ? WATSON-CRICK ?     ? ? 
hydrog7  hydrog ?    ? A DT 3 N3    ? ? ? 1_555 A AS 4 N1 ? ? A DT 3 A AS 4 2_757 ? ? ? ? ? ? WATSON-CRICK ?     ? ? 
hydrog8  hydrog ?    ? A DT 3 O4    ? ? ? 1_555 A AS 4 N6 ? ? A DT 3 A AS 4 2_757 ? ? ? ? ? ? WATSON-CRICK ?     ? ? 
hydrog9  hydrog ?    ? A AS 4 N1    ? ? ? 1_555 A DT 3 N3 ? ? A AS 4 A DT 3 2_757 ? ? ? ? ? ? WATSON-CRICK ?     ? ? 
hydrog10 hydrog ?    ? A AS 4 N6    ? ? ? 1_555 A DT 3 O4 ? ? A AS 4 A DT 3 2_757 ? ? ? ? ? ? WATSON-CRICK ?     ? ? 
hydrog11 hydrog ?    ? A DC 5 N3    ? ? ? 1_555 A DG 2 N1 ? ? A DC 5 A DG 2 2_757 ? ? ? ? ? ? WATSON-CRICK ?     ? ? 
hydrog12 hydrog ?    ? A DC 5 N4    ? ? ? 1_555 A DG 2 O6 ? ? A DC 5 A DG 2 2_757 ? ? ? ? ? ? WATSON-CRICK ?     ? ? 
hydrog13 hydrog ?    ? A DC 5 O2    ? ? ? 1_555 A DG 2 N2 ? ? A DC 5 A DG 2 2_757 ? ? ? ? ? ? WATSON-CRICK ?     ? ? 
hydrog14 hydrog ?    ? A DG 6 N1    ? ? ? 1_555 A DC 1 N3 ? ? A DG 6 A DC 1 2_757 ? ? ? ? ? ? WATSON-CRICK ?     ? ? 
hydrog15 hydrog ?    ? A DG 6 N2    ? ? ? 1_555 A DC 1 O2 ? ? A DG 6 A DC 1 2_757 ? ? ? ? ? ? WATSON-CRICK ?     ? ? 
hydrog16 hydrog ?    ? A DG 6 O6    ? ? ? 1_555 A DC 1 N4 ? ? A DG 6 A DC 1 2_757 ? ? ? ? ? ? WATSON-CRICK ?     ? ? 
# 
loop_
_struct_conn_type.id 
_struct_conn_type.criteria 
_struct_conn_type.reference 
covale ? ? 
hydrog ? ? 
# 
loop_
_struct_site.id 
_struct_site.pdbx_evidence_code 
_struct_site.pdbx_auth_asym_id 
_struct_site.pdbx_auth_comp_id 
_struct_site.pdbx_auth_seq_id 
_struct_site.pdbx_auth_ins_code 
_struct_site.pdbx_num_residues 
_struct_site.details 
AC1 Software A DM3 7 ? 12 'BINDING SITE FOR RESIDUE DM3 A 7' 
1   ?        ? ?   ? ? ?  ?                                  
# 
loop_
_struct_site_gen.id 
_struct_site_gen.site_id 
_struct_site_gen.pdbx_num_res 
_struct_site_gen.label_comp_id 
_struct_site_gen.label_asym_id 
_struct_site_gen.label_seq_id 
_struct_site_gen.pdbx_auth_ins_code 
_struct_site_gen.auth_comp_id 
_struct_site_gen.auth_asym_id 
_struct_site_gen.auth_seq_id 
_struct_site_gen.label_atom_id 
_struct_site_gen.label_alt_id 
_struct_site_gen.symmetry 
_struct_site_gen.details 
1  AC1 12 DC  A 1 ? DC  A 1  . ? 1_555 ? 
2  AC1 12 DG  A 2 ? DG  A 2  . ? 1_555 ? 
3  AC1 12 DT  A 3 ? DT  A 3  . ? 1_455 ? 
4  AC1 12 DT  A 3 ? DT  A 3  . ? 1_555 ? 
5  AC1 12 AS  A 4 ? AS  A 4  . ? 1_555 ? 
6  AC1 12 HOH C . ? HOH A 12 . ? 1_555 ? 
7  AC1 12 HOH C . ? HOH A 13 . ? 1_555 ? 
8  AC1 12 HOH C . ? HOH A 15 . ? 1_555 ? 
9  AC1 12 HOH C . ? HOH A 17 . ? 1_555 ? 
10 AC1 12 HOH C . ? HOH A 26 . ? 1_555 ? 
11 AC1 12 HOH C . ? HOH A 29 . ? 1_555 ? 
12 AC1 12 HOH C . ? HOH A 39 . ? 1_655 ? 
# 
_pdbx_validate_symm_contact.id                1 
_pdbx_validate_symm_contact.PDB_model_num     1 
_pdbx_validate_symm_contact.auth_atom_id_1    O 
_pdbx_validate_symm_contact.auth_asym_id_1    A 
_pdbx_validate_symm_contact.auth_comp_id_1    HOH 
_pdbx_validate_symm_contact.auth_seq_id_1     43 
_pdbx_validate_symm_contact.PDB_ins_code_1    ? 
_pdbx_validate_symm_contact.label_alt_id_1    ? 
_pdbx_validate_symm_contact.site_symmetry_1   1_555 
_pdbx_validate_symm_contact.auth_atom_id_2    O 
_pdbx_validate_symm_contact.auth_asym_id_2    A 
_pdbx_validate_symm_contact.auth_comp_id_2    HOH 
_pdbx_validate_symm_contact.auth_seq_id_2     43 
_pdbx_validate_symm_contact.PDB_ins_code_2    ? 
_pdbx_validate_symm_contact.label_alt_id_2    ? 
_pdbx_validate_symm_contact.site_symmetry_2   2_857 
_pdbx_validate_symm_contact.dist              1.95 
# 
loop_
_pdbx_validate_rmsd_bond.id 
_pdbx_validate_rmsd_bond.PDB_model_num 
_pdbx_validate_rmsd_bond.auth_atom_id_1 
_pdbx_validate_rmsd_bond.auth_asym_id_1 
_pdbx_validate_rmsd_bond.auth_comp_id_1 
_pdbx_validate_rmsd_bond.auth_seq_id_1 
_pdbx_validate_rmsd_bond.PDB_ins_code_1 
_pdbx_validate_rmsd_bond.label_alt_id_1 
_pdbx_validate_rmsd_bond.auth_atom_id_2 
_pdbx_validate_rmsd_bond.auth_asym_id_2 
_pdbx_validate_rmsd_bond.auth_comp_id_2 
_pdbx_validate_rmsd_bond.auth_seq_id_2 
_pdbx_validate_rmsd_bond.PDB_ins_code_2 
_pdbx_validate_rmsd_bond.label_alt_id_2 
_pdbx_validate_rmsd_bond.bond_value 
_pdbx_validate_rmsd_bond.bond_target_value 
_pdbx_validate_rmsd_bond.bond_deviation 
_pdbx_validate_rmsd_bond.bond_standard_deviation 
_pdbx_validate_rmsd_bond.linker_flag 
1  1 "C2'" A DC 1 ? ? "C1'" A DC 1 ? ? 1.628 1.519 0.109  0.010 N 
2  1 N1    A DC 1 ? ? C2    A DC 1 ? ? 1.317 1.397 -0.080 0.010 N 
3  1 N3    A DC 1 ? ? C4    A DC 1 ? ? 1.401 1.335 0.066  0.007 N 
4  1 P     A DG 2 ? ? "O5'" A DG 2 ? ? 1.658 1.593 0.065  0.010 N 
5  1 "O3'" A DG 2 ? ? "C3'" A DG 2 ? ? 1.383 1.419 -0.036 0.006 N 
6  1 C6    A DG 2 ? ? N1    A DG 2 ? ? 1.313 1.391 -0.078 0.007 N 
7  1 C8    A DG 2 ? ? N9    A DG 2 ? ? 1.329 1.374 -0.045 0.007 N 
8  1 C2    A DG 2 ? ? N2    A DG 2 ? ? 1.200 1.341 -0.141 0.010 N 
9  1 "O4'" A DT 3 ? ? "C1'" A DT 3 ? ? 1.509 1.420 0.089  0.011 N 
10 1 "O3'" A DT 3 ? ? "C3'" A DT 3 ? ? 1.367 1.419 -0.052 0.006 N 
11 1 P     A DC 5 ? ? OP1   A DC 5 ? ? 1.360 1.485 -0.125 0.017 N 
12 1 P     A DC 5 ? ? "O5'" A DC 5 ? ? 1.698 1.593 0.105  0.010 N 
13 1 "C5'" A DC 5 ? ? "C4'" A DC 5 ? ? 1.563 1.512 0.051  0.007 N 
14 1 "O4'" A DC 5 ? ? "C1'" A DC 5 ? ? 1.332 1.418 -0.086 0.012 N 
15 1 "O4'" A DC 5 ? ? "C4'" A DC 5 ? ? 1.366 1.446 -0.080 0.010 N 
16 1 N1    A DC 5 ? ? C6    A DC 5 ? ? 1.406 1.367 0.039  0.006 N 
17 1 N3    A DC 5 ? ? C4    A DC 5 ? ? 1.405 1.335 0.070  0.007 N 
18 1 P     A DG 6 ? ? "O5'" A DG 6 ? ? 1.659 1.593 0.066  0.010 N 
19 1 "C4'" A DG 6 ? ? "C3'" A DG 6 ? ? 1.622 1.529 0.093  0.010 N 
20 1 "O4'" A DG 6 ? ? "C1'" A DG 6 ? ? 1.510 1.420 0.090  0.011 N 
21 1 N1    A DG 6 ? ? C2    A DG 6 ? ? 1.312 1.373 -0.061 0.008 N 
22 1 C6    A DG 6 ? ? N1    A DG 6 ? ? 1.332 1.391 -0.059 0.007 N 
23 1 C2    A DG 6 ? ? N2    A DG 6 ? ? 1.225 1.341 -0.116 0.010 N 
# 
loop_
_pdbx_validate_rmsd_angle.id 
_pdbx_validate_rmsd_angle.PDB_model_num 
_pdbx_validate_rmsd_angle.auth_atom_id_1 
_pdbx_validate_rmsd_angle.auth_asym_id_1 
_pdbx_validate_rmsd_angle.auth_comp_id_1 
_pdbx_validate_rmsd_angle.auth_seq_id_1 
_pdbx_validate_rmsd_angle.PDB_ins_code_1 
_pdbx_validate_rmsd_angle.label_alt_id_1 
_pdbx_validate_rmsd_angle.auth_atom_id_2 
_pdbx_validate_rmsd_angle.auth_asym_id_2 
_pdbx_validate_rmsd_angle.auth_comp_id_2 
_pdbx_validate_rmsd_angle.auth_seq_id_2 
_pdbx_validate_rmsd_angle.PDB_ins_code_2 
_pdbx_validate_rmsd_angle.label_alt_id_2 
_pdbx_validate_rmsd_angle.auth_atom_id_3 
_pdbx_validate_rmsd_angle.auth_asym_id_3 
_pdbx_validate_rmsd_angle.auth_comp_id_3 
_pdbx_validate_rmsd_angle.auth_seq_id_3 
_pdbx_validate_rmsd_angle.PDB_ins_code_3 
_pdbx_validate_rmsd_angle.label_alt_id_3 
_pdbx_validate_rmsd_angle.angle_value 
_pdbx_validate_rmsd_angle.angle_target_value 
_pdbx_validate_rmsd_angle.angle_deviation 
_pdbx_validate_rmsd_angle.angle_standard_deviation 
_pdbx_validate_rmsd_angle.linker_flag 
1  1 "C3'" A DC 1 ? ? "C2'" A DC 1 ? ? "C1'" A DC 1 ? ? 97.06  102.40 -5.34  0.80 N 
2  1 "O4'" A DC 1 ? ? "C1'" A DC 1 ? ? N1    A DC 1 ? ? 96.34  108.00 -11.66 0.70 N 
3  1 C2    A DC 1 ? ? N3    A DC 1 ? ? C4    A DC 1 ? ? 124.24 119.90 4.34   0.50 N 
4  1 N3    A DC 1 ? ? C4    A DC 1 ? ? C5    A DC 1 ? ? 116.68 121.90 -5.22  0.40 N 
5  1 "C3'" A DC 1 ? ? "O3'" A DC 1 ? ? P     A DG 2 ? ? 111.52 119.70 -8.18  1.20 Y 
6  1 P     A DG 2 ? ? "O5'" A DG 2 ? ? "C5'" A DG 2 ? ? 108.64 120.90 -12.26 1.60 N 
7  1 "O4'" A DG 2 ? ? "C4'" A DG 2 ? ? "C3'" A DG 2 ? ? 102.06 104.50 -2.44  0.40 N 
8  1 "C3'" A DG 2 ? ? "C2'" A DG 2 ? ? "C1'" A DG 2 ? ? 94.55  102.40 -7.85  0.80 N 
9  1 "O4'" A DG 2 ? ? "C1'" A DG 2 ? ? N9    A DG 2 ? ? 111.57 108.30 3.26   0.30 N 
10 1 C4    A DG 2 ? ? C5    A DG 2 ? ? C6    A DG 2 ? ? 114.23 118.80 -4.57  0.60 N 
11 1 C5    A DG 2 ? ? C6    A DG 2 ? ? N1    A DG 2 ? ? 118.82 111.50 7.32   0.50 N 
12 1 N7    A DG 2 ? ? C8    A DG 2 ? ? N9    A DG 2 ? ? 108.60 113.10 -4.50  0.50 N 
13 1 C8    A DG 2 ? ? N9    A DG 2 ? ? C4    A DG 2 ? ? 111.53 106.40 5.13   0.40 N 
14 1 N9    A DG 2 ? ? C4    A DG 2 ? ? C5    A DG 2 ? ? 102.49 105.40 -2.91  0.40 N 
15 1 N3    A DG 2 ? ? C4    A DG 2 ? ? N9    A DG 2 ? ? 130.99 126.00 4.99   0.60 N 
16 1 C6    A DG 2 ? ? C5    A DG 2 ? ? N7    A DG 2 ? ? 134.20 130.40 3.80   0.60 N 
17 1 N1    A DG 2 ? ? C2    A DG 2 ? ? N2    A DG 2 ? ? 123.80 116.20 7.60   0.90 N 
18 1 N3    A DG 2 ? ? C2    A DG 2 ? ? N2    A DG 2 ? ? 112.60 119.90 -7.30  0.70 N 
19 1 C5    A DG 2 ? ? C6    A DG 2 ? ? O6    A DG 2 ? ? 120.82 128.60 -7.78  0.60 N 
20 1 "C3'" A DG 2 ? ? "O3'" A DG 2 ? ? P     A DT 3 ? ? 128.64 119.70 8.94   1.20 Y 
21 1 "O5'" A DT 3 ? ? P     A DT 3 ? ? OP2   A DT 3 ? ? 119.65 110.70 8.95   1.20 N 
22 1 P     A DT 3 ? ? "O5'" A DT 3 ? ? "C5'" A DT 3 ? ? 106.84 120.90 -14.06 1.60 N 
23 1 "O4'" A DT 3 ? ? "C4'" A DT 3 ? ? "C3'" A DT 3 ? ? 110.39 106.00 4.39   0.60 N 
24 1 "O4'" A DT 3 ? ? "C1'" A DT 3 ? ? N1    A DT 3 ? ? 98.32  108.00 -9.68  0.70 N 
25 1 "O4'" A DC 5 ? ? "C4'" A DC 5 ? ? "C3'" A DC 5 ? ? 101.61 104.50 -2.89  0.40 N 
26 1 "C1'" A DC 5 ? ? "O4'" A DC 5 ? ? "C4'" A DC 5 ? ? 115.47 110.30 5.17   0.70 N 
27 1 "O4'" A DC 5 ? ? "C1'" A DC 5 ? ? N1    A DC 5 ? ? 120.35 108.30 12.05  0.30 N 
28 1 C2    A DC 5 ? ? N3    A DC 5 ? ? C4    A DC 5 ? ? 123.25 119.90 3.35   0.50 N 
29 1 N3    A DC 5 ? ? C4    A DC 5 ? ? C5    A DC 5 ? ? 117.11 121.90 -4.79  0.40 N 
30 1 C4    A DC 5 ? ? C5    A DC 5 ? ? C6    A DC 5 ? ? 120.57 117.40 3.17   0.50 N 
31 1 C5    A DC 5 ? ? C4    A DC 5 ? ? N4    A DC 5 ? ? 128.95 120.20 8.75   0.70 N 
32 1 "C3'" A DC 5 ? ? "O3'" A DC 5 ? ? P     A DG 6 ? ? 126.95 119.70 7.25   1.20 Y 
33 1 "O5'" A DG 6 ? ? P     A DG 6 ? ? OP1   A DG 6 ? ? 88.85  105.70 -16.85 0.90 N 
34 1 N1    A DG 6 ? ? C2    A DG 6 ? ? N3    A DG 6 ? ? 128.79 123.90 4.89   0.60 N 
35 1 C2    A DG 6 ? ? N3    A DG 6 ? ? C4    A DG 6 ? ? 107.77 111.90 -4.13  0.50 N 
36 1 C5    A DG 6 ? ? C6    A DG 6 ? ? N1    A DG 6 ? ? 114.74 111.50 3.24   0.50 N 
37 1 N1    A DG 6 ? ? C2    A DG 6 ? ? N2    A DG 6 ? ? 123.17 116.20 6.97   0.90 N 
38 1 N3    A DG 6 ? ? C2    A DG 6 ? ? N2    A DG 6 ? ? 108.04 119.90 -11.86 0.70 N 
# 
_pdbx_struct_mod_residue.id               1 
_pdbx_struct_mod_residue.label_asym_id    A 
_pdbx_struct_mod_residue.label_comp_id    AS 
_pdbx_struct_mod_residue.label_seq_id     4 
_pdbx_struct_mod_residue.auth_asym_id     A 
_pdbx_struct_mod_residue.auth_comp_id     AS 
_pdbx_struct_mod_residue.auth_seq_id      4 
_pdbx_struct_mod_residue.PDB_ins_code     ? 
_pdbx_struct_mod_residue.parent_comp_id   DA 
_pdbx_struct_mod_residue.details          ? 
# 
_struct_site_keywords.site_id   1 
_struct_site_keywords.text      INTERCALATION 
# 
_pdbx_struct_special_symmetry.id              1 
_pdbx_struct_special_symmetry.PDB_model_num   1 
_pdbx_struct_special_symmetry.auth_asym_id    A 
_pdbx_struct_special_symmetry.auth_comp_id    HOH 
_pdbx_struct_special_symmetry.auth_seq_id     44 
_pdbx_struct_special_symmetry.PDB_ins_code    ? 
_pdbx_struct_special_symmetry.label_asym_id   C 
_pdbx_struct_special_symmetry.label_comp_id   HOH 
_pdbx_struct_special_symmetry.label_seq_id    . 
# 
loop_
_refine_B_iso.class 
_refine_B_iso.details 
_refine_B_iso.treatment 
_refine_B_iso.pdbx_refine_id 
'ALL ATOMS'  TR isotropic 'X-RAY DIFFRACTION' 
'ALL WATERS' TR isotropic 'X-RAY DIFFRACTION' 
# 
loop_
_refine_occupancy.class 
_refine_occupancy.treatment 
_refine_occupancy.pdbx_refine_id 
'ALL ATOMS'  fix 'X-RAY DIFFRACTION' 
'ALL WATERS' fix 'X-RAY DIFFRACTION' 
# 
loop_
_chem_comp_atom.comp_id 
_chem_comp_atom.atom_id 
_chem_comp_atom.type_symbol 
_chem_comp_atom.pdbx_aromatic_flag 
_chem_comp_atom.pdbx_stereo_config 
_chem_comp_atom.pdbx_ordinal 
AS  P      P N N 1   
AS  OP1    O N N 2   
AS  S2P    S N N 3   
AS  OP3    O N N 4   
AS  "O5'"  O N N 5   
AS  "C5'"  C N N 6   
AS  "C4'"  C N R 7   
AS  "O4'"  O N N 8   
AS  "C3'"  C N S 9   
AS  "O3'"  O N N 10  
AS  "C2'"  C N N 11  
AS  "C1'"  C N R 12  
AS  N9     N Y N 13  
AS  C8     C Y N 14  
AS  N7     N Y N 15  
AS  C5     C Y N 16  
AS  C6     C Y N 17  
AS  N6     N N N 18  
AS  N1     N Y N 19  
AS  C2     C Y N 20  
AS  N3     N Y N 21  
AS  C4     C Y N 22  
AS  HOP1   H N N 23  
AS  HOP3   H N N 24  
AS  "H5'"  H N N 25  
AS  "H5''" H N N 26  
AS  "H4'"  H N N 27  
AS  "H3'"  H N N 28  
AS  "HO3'" H N N 29  
AS  "H2'"  H N N 30  
AS  "H2''" H N N 31  
AS  "H1'"  H N N 32  
AS  H8     H N N 33  
AS  HN61   H N N 34  
AS  HN62   H N N 35  
AS  H2     H N N 36  
DC  OP3    O N N 37  
DC  P      P N N 38  
DC  OP1    O N N 39  
DC  OP2    O N N 40  
DC  "O5'"  O N N 41  
DC  "C5'"  C N N 42  
DC  "C4'"  C N R 43  
DC  "O4'"  O N N 44  
DC  "C3'"  C N S 45  
DC  "O3'"  O N N 46  
DC  "C2'"  C N N 47  
DC  "C1'"  C N R 48  
DC  N1     N N N 49  
DC  C2     C N N 50  
DC  O2     O N N 51  
DC  N3     N N N 52  
DC  C4     C N N 53  
DC  N4     N N N 54  
DC  C5     C N N 55  
DC  C6     C N N 56  
DC  HOP3   H N N 57  
DC  HOP2   H N N 58  
DC  "H5'"  H N N 59  
DC  "H5''" H N N 60  
DC  "H4'"  H N N 61  
DC  "H3'"  H N N 62  
DC  "HO3'" H N N 63  
DC  "H2'"  H N N 64  
DC  "H2''" H N N 65  
DC  "H1'"  H N N 66  
DC  H41    H N N 67  
DC  H42    H N N 68  
DC  H5     H N N 69  
DC  H6     H N N 70  
DG  OP3    O N N 71  
DG  P      P N N 72  
DG  OP1    O N N 73  
DG  OP2    O N N 74  
DG  "O5'"  O N N 75  
DG  "C5'"  C N N 76  
DG  "C4'"  C N R 77  
DG  "O4'"  O N N 78  
DG  "C3'"  C N S 79  
DG  "O3'"  O N N 80  
DG  "C2'"  C N N 81  
DG  "C1'"  C N R 82  
DG  N9     N Y N 83  
DG  C8     C Y N 84  
DG  N7     N Y N 85  
DG  C5     C Y N 86  
DG  C6     C N N 87  
DG  O6     O N N 88  
DG  N1     N N N 89  
DG  C2     C N N 90  
DG  N2     N N N 91  
DG  N3     N N N 92  
DG  C4     C Y N 93  
DG  HOP3   H N N 94  
DG  HOP2   H N N 95  
DG  "H5'"  H N N 96  
DG  "H5''" H N N 97  
DG  "H4'"  H N N 98  
DG  "H3'"  H N N 99  
DG  "HO3'" H N N 100 
DG  "H2'"  H N N 101 
DG  "H2''" H N N 102 
DG  "H1'"  H N N 103 
DG  H8     H N N 104 
DG  H1     H N N 105 
DG  H21    H N N 106 
DG  H22    H N N 107 
DM3 C1     C Y N 108 
DM3 C2     C Y N 109 
DM3 C3     C Y N 110 
DM3 C4     C Y N 111 
DM3 O4     O N N 112 
DM3 C5     C Y N 113 
DM3 C6     C N N 114 
DM3 O6     O N N 115 
DM3 C7     C Y N 116 
DM3 C8     C Y N 117 
DM3 O8     O N N 118 
DM3 C9     C Y N 119 
DM3 C10    C N S 120 
DM3 O10    O N N 121 
DM3 C11    C N N 122 
DM3 C12    C N S 123 
DM3 O12    O N N 124 
DM3 C13    C N N 125 
DM3 O13    O N N 126 
DM3 C14    C N N 127 
DM3 C15    C N N 128 
DM3 C16    C Y N 129 
DM3 C17    C Y N 130 
DM3 C18    C Y N 131 
DM3 C19    C N N 132 
DM3 O19    O N N 133 
DM3 C20    C Y N 134 
DM3 C21    C N N 135 
DM3 "C1'"  C N R 136 
DM3 "C2'"  C N N 137 
DM3 "C3'"  C N S 138 
DM3 "N3'"  N N N 139 
DM3 "C4'"  C N S 140 
DM3 "O4'"  O N N 141 
DM3 "C5'"  C N S 142 
DM3 "O5'"  O N N 143 
DM3 "C6'"  C N N 144 
DM3 H1     H N N 145 
DM3 H2     H N N 146 
DM3 H3     H N N 147 
DM3 HO8    H N N 148 
DM3 H10    H N N 149 
DM3 H111   H N N 150 
DM3 H112   H N N 151 
DM3 HO12   H N N 152 
DM3 H141   H N N 153 
DM3 H142   H N N 154 
DM3 H143   H N N 155 
DM3 H151   H N N 156 
DM3 H152   H N N 157 
DM3 H17    H N N 158 
DM3 H211   H N N 159 
DM3 H212   H N N 160 
DM3 H213   H N N 161 
DM3 "H1'"  H N N 162 
DM3 "H2'1" H N N 163 
DM3 "H2'2" H N N 164 
DM3 "H3'"  H N N 165 
DM3 "HN'1" H N N 166 
DM3 "HN'2" H N N 167 
DM3 "H4'"  H N N 168 
DM3 "HO4'" H N N 169 
DM3 "H5'"  H N N 170 
DM3 "H6'1" H N N 171 
DM3 "H6'2" H N N 172 
DM3 "H6'3" H N N 173 
DT  OP3    O N N 174 
DT  P      P N N 175 
DT  OP1    O N N 176 
DT  OP2    O N N 177 
DT  "O5'"  O N N 178 
DT  "C5'"  C N N 179 
DT  "C4'"  C N R 180 
DT  "O4'"  O N N 181 
DT  "C3'"  C N S 182 
DT  "O3'"  O N N 183 
DT  "C2'"  C N N 184 
DT  "C1'"  C N R 185 
DT  N1     N N N 186 
DT  C2     C N N 187 
DT  O2     O N N 188 
DT  N3     N N N 189 
DT  C4     C N N 190 
DT  O4     O N N 191 
DT  C5     C N N 192 
DT  C7     C N N 193 
DT  C6     C N N 194 
DT  HOP3   H N N 195 
DT  HOP2   H N N 196 
DT  "H5'"  H N N 197 
DT  "H5''" H N N 198 
DT  "H4'"  H N N 199 
DT  "H3'"  H N N 200 
DT  "HO3'" H N N 201 
DT  "H2'"  H N N 202 
DT  "H2''" H N N 203 
DT  "H1'"  H N N 204 
DT  H3     H N N 205 
DT  H71    H N N 206 
DT  H72    H N N 207 
DT  H73    H N N 208 
DT  H6     H N N 209 
HOH O      O N N 210 
HOH H1     H N N 211 
HOH H2     H N N 212 
# 
loop_
_chem_comp_bond.comp_id 
_chem_comp_bond.atom_id_1 
_chem_comp_bond.atom_id_2 
_chem_comp_bond.value_order 
_chem_comp_bond.pdbx_aromatic_flag 
_chem_comp_bond.pdbx_stereo_config 
_chem_comp_bond.pdbx_ordinal 
AS  P     OP1    sing N N 1   
AS  P     S2P    doub N N 2   
AS  P     OP3    sing N N 3   
AS  P     "O5'"  sing N N 4   
AS  OP1   HOP1   sing N N 5   
AS  OP3   HOP3   sing N N 6   
AS  "O5'" "C5'"  sing N N 7   
AS  "C5'" "C4'"  sing N N 8   
AS  "C5'" "H5'"  sing N N 9   
AS  "C5'" "H5''" sing N N 10  
AS  "C4'" "O4'"  sing N N 11  
AS  "C4'" "C3'"  sing N N 12  
AS  "C4'" "H4'"  sing N N 13  
AS  "O4'" "C1'"  sing N N 14  
AS  "C3'" "O3'"  sing N N 15  
AS  "C3'" "C2'"  sing N N 16  
AS  "C3'" "H3'"  sing N N 17  
AS  "O3'" "HO3'" sing N N 18  
AS  "C2'" "C1'"  sing N N 19  
AS  "C2'" "H2'"  sing N N 20  
AS  "C2'" "H2''" sing N N 21  
AS  "C1'" N9     sing N N 22  
AS  "C1'" "H1'"  sing N N 23  
AS  N9    C8     sing Y N 24  
AS  N9    C4     sing Y N 25  
AS  C8    N7     doub Y N 26  
AS  C8    H8     sing N N 27  
AS  N7    C5     sing Y N 28  
AS  C5    C6     sing Y N 29  
AS  C5    C4     doub Y N 30  
AS  C6    N6     sing N N 31  
AS  C6    N1     doub Y N 32  
AS  N6    HN61   sing N N 33  
AS  N6    HN62   sing N N 34  
AS  N1    C2     sing Y N 35  
AS  C2    N3     doub Y N 36  
AS  C2    H2     sing N N 37  
AS  N3    C4     sing Y N 38  
DC  OP3   P      sing N N 39  
DC  OP3   HOP3   sing N N 40  
DC  P     OP1    doub N N 41  
DC  P     OP2    sing N N 42  
DC  P     "O5'"  sing N N 43  
DC  OP2   HOP2   sing N N 44  
DC  "O5'" "C5'"  sing N N 45  
DC  "C5'" "C4'"  sing N N 46  
DC  "C5'" "H5'"  sing N N 47  
DC  "C5'" "H5''" sing N N 48  
DC  "C4'" "O4'"  sing N N 49  
DC  "C4'" "C3'"  sing N N 50  
DC  "C4'" "H4'"  sing N N 51  
DC  "O4'" "C1'"  sing N N 52  
DC  "C3'" "O3'"  sing N N 53  
DC  "C3'" "C2'"  sing N N 54  
DC  "C3'" "H3'"  sing N N 55  
DC  "O3'" "HO3'" sing N N 56  
DC  "C2'" "C1'"  sing N N 57  
DC  "C2'" "H2'"  sing N N 58  
DC  "C2'" "H2''" sing N N 59  
DC  "C1'" N1     sing N N 60  
DC  "C1'" "H1'"  sing N N 61  
DC  N1    C2     sing N N 62  
DC  N1    C6     sing N N 63  
DC  C2    O2     doub N N 64  
DC  C2    N3     sing N N 65  
DC  N3    C4     doub N N 66  
DC  C4    N4     sing N N 67  
DC  C4    C5     sing N N 68  
DC  N4    H41    sing N N 69  
DC  N4    H42    sing N N 70  
DC  C5    C6     doub N N 71  
DC  C5    H5     sing N N 72  
DC  C6    H6     sing N N 73  
DG  OP3   P      sing N N 74  
DG  OP3   HOP3   sing N N 75  
DG  P     OP1    doub N N 76  
DG  P     OP2    sing N N 77  
DG  P     "O5'"  sing N N 78  
DG  OP2   HOP2   sing N N 79  
DG  "O5'" "C5'"  sing N N 80  
DG  "C5'" "C4'"  sing N N 81  
DG  "C5'" "H5'"  sing N N 82  
DG  "C5'" "H5''" sing N N 83  
DG  "C4'" "O4'"  sing N N 84  
DG  "C4'" "C3'"  sing N N 85  
DG  "C4'" "H4'"  sing N N 86  
DG  "O4'" "C1'"  sing N N 87  
DG  "C3'" "O3'"  sing N N 88  
DG  "C3'" "C2'"  sing N N 89  
DG  "C3'" "H3'"  sing N N 90  
DG  "O3'" "HO3'" sing N N 91  
DG  "C2'" "C1'"  sing N N 92  
DG  "C2'" "H2'"  sing N N 93  
DG  "C2'" "H2''" sing N N 94  
DG  "C1'" N9     sing N N 95  
DG  "C1'" "H1'"  sing N N 96  
DG  N9    C8     sing Y N 97  
DG  N9    C4     sing Y N 98  
DG  C8    N7     doub Y N 99  
DG  C8    H8     sing N N 100 
DG  N7    C5     sing Y N 101 
DG  C5    C6     sing N N 102 
DG  C5    C4     doub Y N 103 
DG  C6    O6     doub N N 104 
DG  C6    N1     sing N N 105 
DG  N1    C2     sing N N 106 
DG  N1    H1     sing N N 107 
DG  C2    N2     sing N N 108 
DG  C2    N3     doub N N 109 
DG  N2    H21    sing N N 110 
DG  N2    H22    sing N N 111 
DG  N3    C4     sing N N 112 
DM3 C1    C2     doub Y N 113 
DM3 C1    C20    sing Y N 114 
DM3 C1    H1     sing N N 115 
DM3 C2    C3     sing Y N 116 
DM3 C2    H2     sing N N 117 
DM3 C3    C4     doub Y N 118 
DM3 C3    H3     sing N N 119 
DM3 C4    O4     sing N N 120 
DM3 C4    C5     sing Y N 121 
DM3 O4    C21    sing N N 122 
DM3 C5    C6     sing N N 123 
DM3 C5    C20    doub Y N 124 
DM3 C6    O6     doub N N 125 
DM3 C6    C7     sing N N 126 
DM3 C7    C8     doub Y N 127 
DM3 C7    C18    sing Y N 128 
DM3 C8    O8     sing N N 129 
DM3 C8    C9     sing Y N 130 
DM3 O8    HO8    sing N N 131 
DM3 C9    C10    sing N N 132 
DM3 C9    C16    doub Y N 133 
DM3 C10   O10    sing N N 134 
DM3 C10   C11    sing N N 135 
DM3 C10   H10    sing N N 136 
DM3 O10   "C1'"  sing N N 137 
DM3 C11   C12    sing N N 138 
DM3 C11   H111   sing N N 139 
DM3 C11   H112   sing N N 140 
DM3 C12   O12    sing N N 141 
DM3 C12   C13    sing N N 142 
DM3 C12   C15    sing N N 143 
DM3 O12   HO12   sing N N 144 
DM3 C13   O13    doub N N 145 
DM3 C13   C14    sing N N 146 
DM3 C14   H141   sing N N 147 
DM3 C14   H142   sing N N 148 
DM3 C14   H143   sing N N 149 
DM3 C15   C16    sing N N 150 
DM3 C15   H151   sing N N 151 
DM3 C15   H152   sing N N 152 
DM3 C16   C17    sing Y N 153 
DM3 C17   C18    doub Y N 154 
DM3 C17   H17    sing N N 155 
DM3 C18   C19    sing N N 156 
DM3 C19   O19    doub N N 157 
DM3 C19   C20    sing N N 158 
DM3 C21   H211   sing N N 159 
DM3 C21   H212   sing N N 160 
DM3 C21   H213   sing N N 161 
DM3 "C1'" "C2'"  sing N N 162 
DM3 "C1'" "O5'"  sing N N 163 
DM3 "C1'" "H1'"  sing N N 164 
DM3 "C2'" "C3'"  sing N N 165 
DM3 "C2'" "H2'1" sing N N 166 
DM3 "C2'" "H2'2" sing N N 167 
DM3 "C3'" "N3'"  sing N N 168 
DM3 "C3'" "C4'"  sing N N 169 
DM3 "C3'" "H3'"  sing N N 170 
DM3 "N3'" "HN'1" sing N N 171 
DM3 "N3'" "HN'2" sing N N 172 
DM3 "C4'" "O4'"  sing N N 173 
DM3 "C4'" "C5'"  sing N N 174 
DM3 "C4'" "H4'"  sing N N 175 
DM3 "O4'" "HO4'" sing N N 176 
DM3 "C5'" "O5'"  sing N N 177 
DM3 "C5'" "C6'"  sing N N 178 
DM3 "C5'" "H5'"  sing N N 179 
DM3 "C6'" "H6'1" sing N N 180 
DM3 "C6'" "H6'2" sing N N 181 
DM3 "C6'" "H6'3" sing N N 182 
DT  OP3   P      sing N N 183 
DT  OP3   HOP3   sing N N 184 
DT  P     OP1    doub N N 185 
DT  P     OP2    sing N N 186 
DT  P     "O5'"  sing N N 187 
DT  OP2   HOP2   sing N N 188 
DT  "O5'" "C5'"  sing N N 189 
DT  "C5'" "C4'"  sing N N 190 
DT  "C5'" "H5'"  sing N N 191 
DT  "C5'" "H5''" sing N N 192 
DT  "C4'" "O4'"  sing N N 193 
DT  "C4'" "C3'"  sing N N 194 
DT  "C4'" "H4'"  sing N N 195 
DT  "O4'" "C1'"  sing N N 196 
DT  "C3'" "O3'"  sing N N 197 
DT  "C3'" "C2'"  sing N N 198 
DT  "C3'" "H3'"  sing N N 199 
DT  "O3'" "HO3'" sing N N 200 
DT  "C2'" "C1'"  sing N N 201 
DT  "C2'" "H2'"  sing N N 202 
DT  "C2'" "H2''" sing N N 203 
DT  "C1'" N1     sing N N 204 
DT  "C1'" "H1'"  sing N N 205 
DT  N1    C2     sing N N 206 
DT  N1    C6     sing N N 207 
DT  C2    O2     doub N N 208 
DT  C2    N3     sing N N 209 
DT  N3    C4     sing N N 210 
DT  N3    H3     sing N N 211 
DT  C4    O4     doub N N 212 
DT  C4    C5     sing N N 213 
DT  C5    C7     sing N N 214 
DT  C5    C6     doub N N 215 
DT  C7    H71    sing N N 216 
DT  C7    H72    sing N N 217 
DT  C7    H73    sing N N 218 
DT  C6    H6     sing N N 219 
HOH O     H1     sing N N 220 
HOH O     H2     sing N N 221 
# 
_ndb_struct_conf_na.entry_id   1D14 
_ndb_struct_conf_na.feature    'b-form double helix' 
# 
loop_
_ndb_struct_na_base_pair.model_number 
_ndb_struct_na_base_pair.i_label_asym_id 
_ndb_struct_na_base_pair.i_label_comp_id 
_ndb_struct_na_base_pair.i_label_seq_id 
_ndb_struct_na_base_pair.i_symmetry 
_ndb_struct_na_base_pair.j_label_asym_id 
_ndb_struct_na_base_pair.j_label_comp_id 
_ndb_struct_na_base_pair.j_label_seq_id 
_ndb_struct_na_base_pair.j_symmetry 
_ndb_struct_na_base_pair.shear 
_ndb_struct_na_base_pair.stretch 
_ndb_struct_na_base_pair.stagger 
_ndb_struct_na_base_pair.buckle 
_ndb_struct_na_base_pair.propeller 
_ndb_struct_na_base_pair.opening 
_ndb_struct_na_base_pair.pair_number 
_ndb_struct_na_base_pair.pair_name 
_ndb_struct_na_base_pair.i_auth_asym_id 
_ndb_struct_na_base_pair.i_auth_seq_id 
_ndb_struct_na_base_pair.i_PDB_ins_code 
_ndb_struct_na_base_pair.j_auth_asym_id 
_ndb_struct_na_base_pair.j_auth_seq_id 
_ndb_struct_na_base_pair.j_PDB_ins_code 
_ndb_struct_na_base_pair.hbond_type_28 
_ndb_struct_na_base_pair.hbond_type_12 
1 A DC 1 1_555 A DG 6 2_757 0.213  -0.288 -0.127 6.807   3.916  1.685 1 A_DC1:DG6_A A 1 ? A 6 ? 19 1 
1 A DG 2 1_555 A DC 5 2_757 -0.394 -0.212 -0.363 -15.981 -0.477 2.481 2 A_DG2:DC5_A A 2 ? A 5 ? 19 1 
1 A DT 3 1_555 A AS 4 2_757 -0.218 -0.152 0.185  -1.279  -7.390 0.613 3 A_DT3:AS4_A A 3 ? A 4 ? 20 1 
1 A AS 4 1_555 A DT 3 2_757 0.218  -0.152 0.185  1.279   -7.390 0.613 4 A_AS4:DT3_A A 4 ? A 3 ? 20 1 
1 A DC 5 1_555 A DG 2 2_757 0.394  -0.212 -0.363 15.981  -0.477 2.481 5 A_DC5:DG2_A A 5 ? A 2 ? 19 1 
1 A DG 6 1_555 A DC 1 2_757 -0.213 -0.288 -0.127 -6.807  3.916  1.685 6 A_DG6:DC1_A A 6 ? A 1 ? 19 1 
# 
loop_
_ndb_struct_na_base_pair_step.model_number 
_ndb_struct_na_base_pair_step.i_label_asym_id_1 
_ndb_struct_na_base_pair_step.i_label_comp_id_1 
_ndb_struct_na_base_pair_step.i_label_seq_id_1 
_ndb_struct_na_base_pair_step.i_symmetry_1 
_ndb_struct_na_base_pair_step.j_label_asym_id_1 
_ndb_struct_na_base_pair_step.j_label_comp_id_1 
_ndb_struct_na_base_pair_step.j_label_seq_id_1 
_ndb_struct_na_base_pair_step.j_symmetry_1 
_ndb_struct_na_base_pair_step.i_label_asym_id_2 
_ndb_struct_na_base_pair_step.i_label_comp_id_2 
_ndb_struct_na_base_pair_step.i_label_seq_id_2 
_ndb_struct_na_base_pair_step.i_symmetry_2 
_ndb_struct_na_base_pair_step.j_label_asym_id_2 
_ndb_struct_na_base_pair_step.j_label_comp_id_2 
_ndb_struct_na_base_pair_step.j_label_seq_id_2 
_ndb_struct_na_base_pair_step.j_symmetry_2 
_ndb_struct_na_base_pair_step.shift 
_ndb_struct_na_base_pair_step.slide 
_ndb_struct_na_base_pair_step.rise 
_ndb_struct_na_base_pair_step.tilt 
_ndb_struct_na_base_pair_step.roll 
_ndb_struct_na_base_pair_step.twist 
_ndb_struct_na_base_pair_step.x_displacement 
_ndb_struct_na_base_pair_step.y_displacement 
_ndb_struct_na_base_pair_step.helical_rise 
_ndb_struct_na_base_pair_step.inclination 
_ndb_struct_na_base_pair_step.tip 
_ndb_struct_na_base_pair_step.helical_twist 
_ndb_struct_na_base_pair_step.step_number 
_ndb_struct_na_base_pair_step.step_name 
_ndb_struct_na_base_pair_step.i_auth_asym_id_1 
_ndb_struct_na_base_pair_step.i_auth_seq_id_1 
_ndb_struct_na_base_pair_step.i_PDB_ins_code_1 
_ndb_struct_na_base_pair_step.j_auth_asym_id_1 
_ndb_struct_na_base_pair_step.j_auth_seq_id_1 
_ndb_struct_na_base_pair_step.j_PDB_ins_code_1 
_ndb_struct_na_base_pair_step.i_auth_asym_id_2 
_ndb_struct_na_base_pair_step.i_auth_seq_id_2 
_ndb_struct_na_base_pair_step.i_PDB_ins_code_2 
_ndb_struct_na_base_pair_step.j_auth_asym_id_2 
_ndb_struct_na_base_pair_step.j_auth_seq_id_2 
_ndb_struct_na_base_pair_step.j_PDB_ins_code_2 
1 A DC 1 1_555 A DG 6 2_757 A DG 2 1_555 A DC 5 2_757 0.981  1.485  7.027 0.252  -2.886 36.287 3.233  -1.495 6.899 -4.624 -0.404 
36.398 1 AA_DC1DG2:DC5DG6_AA A 1 ? A 6 ? A 2 ? A 5 ? 
1 A DG 2 1_555 A DC 5 2_757 A DT 3 1_555 A AS 4 2_757 -0.939 -0.099 3.042 -5.302 -3.161 31.480 0.364  0.788  3.149 -5.756 9.656  
32.065 2 AA_DG2DT3:AS4DC5_AA A 2 ? A 5 ? A 3 ? A 4 ? 
1 A DT 3 1_555 A AS 4 2_757 A AS 4 1_555 A DT 3 2_757 0.000  -0.591 3.205 0.000  1.235  42.364 -0.940 0.000  3.187 1.708  0.000  
42.381 3 AA_DT3AS4:DT3AS4_AA A 3 ? A 4 ? A 4 ? A 3 ? 
1 A AS 4 1_555 A DT 3 2_757 A DC 5 1_555 A DG 2 2_757 0.939  -0.099 3.042 5.302  -3.161 31.480 0.364  -0.788 3.149 -5.756 -9.656 
32.065 4 AA_AS4DC5:DG2DT3_AA A 4 ? A 3 ? A 5 ? A 2 ? 
1 A DC 5 1_555 A DG 2 2_757 A DG 6 1_555 A DC 1 2_757 -0.981 1.485  7.027 -0.252 -2.886 36.287 3.233  1.495  6.899 -4.624 0.404  
36.398 5 AA_DC5DG6:DC1DG2_AA A 5 ? A 2 ? A 6 ? A 1 ? 
# 
_atom_sites.entry_id                    1D14 
_atom_sites.fract_transf_matrix[1][1]   0.04850589 
_atom_sites.fract_transf_matrix[1][2]   0.02171319 
_atom_sites.fract_transf_matrix[1][3]   -0.02049140 
_atom_sites.fract_transf_matrix[2][1]   0.02279418 
_atom_sites.fract_transf_matrix[2][2]   -0.00702281 
_atom_sites.fract_transf_matrix[2][3]   0.04651534 
_atom_sites.fract_transf_matrix[3][1]   0.01558145 
_atom_sites.fract_transf_matrix[3][2]   -0.03266411 
_atom_sites.fract_transf_matrix[3][3]   -0.01256704 
_atom_sites.fract_transf_vector[1]      1.115837 
_atom_sites.fract_transf_vector[2]      0.974673 
_atom_sites.fract_transf_vector[3]      1.104158 
# 
loop_
_atom_type.symbol 
C 
N 
O 
P 
S 
# 
loop_
_atom_site.group_PDB 
_atom_site.id 
_atom_site.type_symbol 
_atom_site.label_atom_id 
_atom_site.label_alt_id 
_atom_site.label_comp_id 
_atom_site.label_asym_id 
_atom_site.label_entity_id 
_atom_site.label_seq_id 
_atom_site.pdbx_PDB_ins_code 
_atom_site.Cartn_x 
_atom_site.Cartn_y 
_atom_site.Cartn_z 
_atom_site.occupancy 
_atom_site.B_iso_or_equiv 
_atom_site.pdbx_formal_charge 
_atom_site.auth_seq_id 
_atom_site.auth_comp_id 
_atom_site.auth_asym_id 
_atom_site.auth_atom_id 
_atom_site.pdbx_PDB_model_num 
ATOM   1   O "O5'" . DC  A 1 1 ? 3.420   -8.119  5.851   1.00 29.60 ? 1  DC  A "O5'" 1 
ATOM   2   C "C5'" . DC  A 1 1 ? 4.808   -8.650  5.912   1.00 27.71 ? 1  DC  A "C5'" 1 
ATOM   3   C "C4'" . DC  A 1 1 ? 5.500   -8.737  4.578   1.00 25.98 ? 1  DC  A "C4'" 1 
ATOM   4   O "O4'" . DC  A 1 1 ? 4.767   -9.523  3.630   1.00 23.98 ? 1  DC  A "O4'" 1 
ATOM   5   C "C3'" . DC  A 1 1 ? 5.674   -7.368  3.809   1.00 25.78 ? 1  DC  A "C3'" 1 
ATOM   6   O "O3'" . DC  A 1 1 ? 7.048   -7.388  3.362   1.00 26.99 ? 1  DC  A "O3'" 1 
ATOM   7   C "C2'" . DC  A 1 1 ? 4.661   -7.352  2.690   1.00 23.42 ? 1  DC  A "C2'" 1 
ATOM   8   C "C1'" . DC  A 1 1 ? 4.656   -8.955  2.402   1.00 20.07 ? 1  DC  A "C1'" 1 
ATOM   9   N N1    . DC  A 1 1 ? 3.263   -9.410  2.136   1.00 17.06 ? 1  DC  A N1    1 
ATOM   10  C C2    . DC  A 1 1 ? 2.835   -9.253  0.900   1.00 15.05 ? 1  DC  A C2    1 
ATOM   11  O O2    . DC  A 1 1 ? 3.556   -8.790  0.063   1.00 15.38 ? 1  DC  A O2    1 
ATOM   12  N N3    . DC  A 1 1 ? 1.575   -9.625  0.614   1.00 14.97 ? 1  DC  A N3    1 
ATOM   13  C C4    . DC  A 1 1 ? 0.676   -10.149 1.552   1.00 15.12 ? 1  DC  A C4    1 
ATOM   14  N N4    . DC  A 1 1 ? -0.594  -10.508 1.184   1.00 14.71 ? 1  DC  A N4    1 
ATOM   15  C C5    . DC  A 1 1 ? 1.152   -10.306 2.862   1.00 16.12 ? 1  DC  A C5    1 
ATOM   16  C C6    . DC  A 1 1 ? 2.450   -9.942  3.126   1.00 16.22 ? 1  DC  A C6    1 
ATOM   17  P P     . DG  A 1 2 ? 7.943   -6.368  4.183   1.00 28.15 ? 2  DG  A P     1 
ATOM   18  O OP1   . DG  A 1 2 ? 9.319   -6.559  3.677   1.00 29.04 ? 2  DG  A OP1   1 
ATOM   19  O OP2   . DG  A 1 2 ? 7.608   -6.345  5.545   1.00 28.37 ? 2  DG  A OP2   1 
ATOM   20  O "O5'" . DG  A 1 2 ? 7.447   -4.918  3.548   1.00 26.78 ? 2  DG  A "O5'" 1 
ATOM   21  C "C5'" . DG  A 1 2 ? 7.656   -4.941  2.168   1.00 24.63 ? 2  DG  A "C5'" 1 
ATOM   22  C "C4'" . DG  A 1 2 ? 6.952   -3.773  1.565   1.00 23.48 ? 2  DG  A "C4'" 1 
ATOM   23  O "O4'" . DG  A 1 2 ? 5.501   -3.966  1.567   1.00 21.88 ? 2  DG  A "O4'" 1 
ATOM   24  C "C3'" . DG  A 1 2 ? 7.106   -2.427  2.373   1.00 23.69 ? 2  DG  A "C3'" 1 
ATOM   25  O "O3'" . DG  A 1 2 ? 7.047   -1.507  1.343   1.00 25.48 ? 2  DG  A "O3'" 1 
ATOM   26  C "C2'" . DG  A 1 2 ? 5.853   -2.407  3.324   1.00 21.41 ? 2  DG  A "C2'" 1 
ATOM   27  C "C1'" . DG  A 1 2 ? 4.837   -2.820  2.201   1.00 18.50 ? 2  DG  A "C1'" 1 
ATOM   28  N N9    . DG  A 1 2 ? 3.611   -3.197  2.804   1.00 15.75 ? 2  DG  A N9    1 
ATOM   29  C C8    . DG  A 1 2 ? 3.509   -3.589  4.069   1.00 14.76 ? 2  DG  A C8    1 
ATOM   30  N N7    . DG  A 1 2 ? 2.222   -3.824  4.341   1.00 14.82 ? 2  DG  A N7    1 
ATOM   31  C C5    . DG  A 1 2 ? 1.541   -3.540  3.191   1.00 14.15 ? 2  DG  A C5    1 
ATOM   32  C C6    . DG  A 1 2 ? 0.174   -3.544  2.828   1.00 12.82 ? 2  DG  A C6    1 
ATOM   33  O O6    . DG  A 1 2 ? -0.724  -3.945  3.653   1.00 13.61 ? 2  DG  A O6    1 
ATOM   34  N N1    . DG  A 1 2 ? -0.154  -3.247  1.592   1.00 12.14 ? 2  DG  A N1    1 
ATOM   35  C C2    . DG  A 1 2 ? 0.752   -2.872  0.692   1.00 11.34 ? 2  DG  A C2    1 
ATOM   36  N N2    . DG  A 1 2 ? 0.487   -2.585  -0.443  1.00 10.90 ? 2  DG  A N2    1 
ATOM   37  N N3    . DG  A 1 2 ? 2.034   -2.777  0.949   1.00 13.46 ? 2  DG  A N3    1 
ATOM   38  C C4    . DG  A 1 2 ? 2.383   -3.142  2.194   1.00 13.57 ? 2  DG  A C4    1 
ATOM   39  P P     . DT  A 1 3 ? 8.169   -0.426  0.884   1.00 26.39 ? 3  DT  A P     1 
ATOM   40  O OP1   . DT  A 1 3 ? 9.270   -1.287  0.611   1.00 27.10 ? 3  DT  A OP1   1 
ATOM   41  O OP2   . DT  A 1 3 ? 8.118   0.541   1.980   1.00 26.80 ? 3  DT  A OP2   1 
ATOM   42  O "O5'" . DT  A 1 3 ? 7.687   0.015   -0.591  1.00 24.35 ? 3  DT  A "O5'" 1 
ATOM   43  C "C5'" . DT  A 1 3 ? 6.606   0.947   -0.416  1.00 21.78 ? 3  DT  A "C5'" 1 
ATOM   44  C "C4'" . DT  A 1 3 ? 5.621   0.685   -1.539  1.00 19.68 ? 3  DT  A "C4'" 1 
ATOM   45  O "O4'" . DT  A 1 3 ? 4.502   -0.037  -0.975  1.00 18.09 ? 3  DT  A "O4'" 1 
ATOM   46  C "C3'" . DT  A 1 3 ? 5.149   1.991   -2.160  1.00 18.81 ? 3  DT  A "C3'" 1 
ATOM   47  O "O3'" . DT  A 1 3 ? 4.848   1.900   -3.491  1.00 19.77 ? 3  DT  A "O3'" 1 
ATOM   48  C "C2'" . DT  A 1 3 ? 3.843   2.317   -1.382  1.00 17.55 ? 3  DT  A "C2'" 1 
ATOM   49  C "C1'" . DT  A 1 3 ? 3.331   0.910   -1.074  1.00 15.82 ? 3  DT  A "C1'" 1 
ATOM   50  N N1    . DT  A 1 3 ? 2.743   0.676   0.299   1.00 13.43 ? 3  DT  A N1    1 
ATOM   51  C C2    . DT  A 1 3 ? 1.362   0.535   0.230   1.00 12.58 ? 3  DT  A C2    1 
ATOM   52  O O2    . DT  A 1 3 ? 0.746   0.614   -0.798  1.00 13.21 ? 3  DT  A O2    1 
ATOM   53  N N3    . DT  A 1 3 ? 0.741   0.289   1.387   1.00 12.42 ? 3  DT  A N3    1 
ATOM   54  C C4    . DT  A 1 3 ? 1.331   0.181   2.618   1.00 12.87 ? 3  DT  A C4    1 
ATOM   55  O O4    . DT  A 1 3 ? 0.676   -0.101  3.664   1.00 12.86 ? 3  DT  A O4    1 
ATOM   56  C C5    . DT  A 1 3 ? 2.755   0.385   2.654   1.00 13.54 ? 3  DT  A C5    1 
ATOM   57  C C7    . DT  A 1 3 ? 3.486   0.285   3.948   1.00 13.57 ? 3  DT  A C7    1 
ATOM   58  C C6    . DT  A 1 3 ? 3.401   0.602   1.477   1.00 13.19 ? 3  DT  A C6    1 
HETATM 59  P P     . AS  A 1 4 ? 4.441   3.080   -4.423  1.00 22.11 ? 4  AS  A P     1 
HETATM 60  O OP1   . AS  A 1 4 ? 4.157   2.657   -5.740  1.00 20.29 ? 4  AS  A OP1   1 
HETATM 61  S S2P   . AS  A 1 4 ? 5.336   4.396   -4.055  1.00 26.04 ? 4  AS  A S2P   1 
HETATM 62  O "O5'" . AS  A 1 4 ? 2.860   3.367   -3.874  1.00 20.06 ? 4  AS  A "O5'" 1 
HETATM 63  C "C5'" . AS  A 1 4 ? 2.179   4.418   -4.534  1.00 18.59 ? 4  AS  A "C5'" 1 
HETATM 64  C "C4'" . AS  A 1 4 ? 0.684   4.083   -4.361  1.00 17.51 ? 4  AS  A "C4'" 1 
HETATM 65  O "O4'" . AS  A 1 4 ? 0.384   3.375   -3.129  1.00 15.83 ? 4  AS  A "O4'" 1 
HETATM 66  C "C3'" . AS  A 1 4 ? -0.201  5.418   -4.340  1.00 17.65 ? 4  AS  A "C3'" 1 
HETATM 67  O "O3'" . AS  A 1 4 ? -1.256  5.200   -5.195  1.00 19.85 ? 4  AS  A "O3'" 1 
HETATM 68  C "C2'" . AS  A 1 4 ? -0.484  5.542   -2.931  1.00 15.07 ? 4  AS  A "C2'" 1 
HETATM 69  C "C1'" . AS  A 1 4 ? -0.654  4.174   -2.412  1.00 12.52 ? 4  AS  A "C1'" 1 
HETATM 70  N N9    . AS  A 1 4 ? -0.314  4.013   -1.053  1.00 10.52 ? 4  AS  A N9    1 
HETATM 71  C C8    . AS  A 1 4 ? 0.801   4.110   -0.432  1.00 8.97  ? 4  AS  A C8    1 
HETATM 72  N N7    . AS  A 1 4 ? 0.796   3.856   0.849   1.00 9.74  ? 4  AS  A N7    1 
HETATM 73  C C5    . AS  A 1 4 ? -0.535  3.576   1.058   1.00 9.34  ? 4  AS  A C5    1 
HETATM 74  C C6    . AS  A 1 4 ? -1.204  3.243   2.302   1.00 8.44  ? 4  AS  A C6    1 
HETATM 75  N N6    . AS  A 1 4 ? -0.649  3.116   3.496   1.00 9.48  ? 4  AS  A N6    1 
HETATM 76  N N1    . AS  A 1 4 ? -2.504  3.043   2.113   1.00 9.17  ? 4  AS  A N1    1 
HETATM 77  C C2    . AS  A 1 4 ? -3.098  3.134   0.934   1.00 7.82  ? 4  AS  A C2    1 
HETATM 78  N N3    . AS  A 1 4 ? -2.608  3.473   -0.273  1.00 9.77  ? 4  AS  A N3    1 
HETATM 79  C C4    . AS  A 1 4 ? -1.259  3.668   -0.061  1.00 9.26  ? 4  AS  A C4    1 
ATOM   80  P P     . DC  A 1 5 ? -1.914  6.415   -5.952  1.00 20.74 ? 5  DC  A P     1 
ATOM   81  O OP1   . DC  A 1 5 ? -2.794  5.968   -6.888  1.00 20.52 ? 5  DC  A OP1   1 
ATOM   82  O OP2   . DC  A 1 5 ? -0.864  7.469   -6.097  1.00 22.16 ? 5  DC  A OP2   1 
ATOM   83  O "O5'" . DC  A 1 5 ? -2.945  7.031   -4.751  1.00 21.15 ? 5  DC  A "O5'" 1 
ATOM   84  C "C5'" . DC  A 1 5 ? -4.145  6.403   -4.387  1.00 20.30 ? 5  DC  A "C5'" 1 
ATOM   85  C "C4'" . DC  A 1 5 ? -4.666  7.061   -3.069  1.00 18.31 ? 5  DC  A "C4'" 1 
ATOM   86  O "O4'" . DC  A 1 5 ? -3.959  6.601   -1.995  1.00 16.89 ? 5  DC  A "O4'" 1 
ATOM   87  C "C3'" . DC  A 1 5 ? -4.565  8.612   -2.873  1.00 19.32 ? 5  DC  A "C3'" 1 
ATOM   88  O "O3'" . DC  A 1 5 ? -5.847  9.137   -2.495  1.00 21.97 ? 5  DC  A "O3'" 1 
ATOM   89  C "C2'" . DC  A 1 5 ? -3.491  8.799   -1.855  1.00 17.45 ? 5  DC  A "C2'" 1 
ATOM   90  C "C1'" . DC  A 1 5 ? -3.737  7.492   -1.031  1.00 14.42 ? 5  DC  A "C1'" 1 
ATOM   91  N N1    . DC  A 1 5 ? -2.625  7.315   -0.106  1.00 12.77 ? 5  DC  A N1    1 
ATOM   92  C C2    . DC  A 1 5 ? -2.979  6.669   1.031   1.00 10.93 ? 5  DC  A C2    1 
ATOM   93  O O2    . DC  A 1 5 ? -4.117  6.274   1.151   1.00 12.29 ? 5  DC  A O2    1 
ATOM   94  N N3    . DC  A 1 5 ? -2.047  6.538   1.981   1.00 11.24 ? 5  DC  A N3    1 
ATOM   95  C C4    . DC  A 1 5 ? -0.713  6.945   1.812   1.00 10.02 ? 5  DC  A C4    1 
ATOM   96  N N4    . DC  A 1 5 ? 0.078   6.689   2.878   1.00 10.80 ? 5  DC  A N4    1 
ATOM   97  C C5    . DC  A 1 5 ? -0.388  7.565   0.616   1.00 10.81 ? 5  DC  A C5    1 
ATOM   98  C C6    . DC  A 1 5 ? -1.300  7.737   -0.319  1.00 11.33 ? 5  DC  A C6    1 
ATOM   99  P P     . DG  A 1 6 ? -6.823  10.004  -3.393  1.00 23.81 ? 6  DG  A P     1 
ATOM   100 O OP1   . DG  A 1 6 ? -7.401  9.311   -4.473  1.00 23.93 ? 6  DG  A OP1   1 
ATOM   101 O OP2   . DG  A 1 6 ? -6.117  11.290  -3.468  1.00 23.97 ? 6  DG  A OP2   1 
ATOM   102 O "O5'" . DG  A 1 6 ? -8.309  10.022  -2.653  1.00 23.11 ? 6  DG  A "O5'" 1 
ATOM   103 C "C5'" . DG  A 1 6 ? -8.414  9.482   -1.358  1.00 22.43 ? 6  DG  A "C5'" 1 
ATOM   104 C "C4'" . DG  A 1 6 ? -9.688  10.023  -0.684  1.00 21.21 ? 6  DG  A "C4'" 1 
ATOM   105 O "O4'" . DG  A 1 6 ? -9.273  10.451  0.593   1.00 20.29 ? 6  DG  A "O4'" 1 
ATOM   106 C "C3'" . DG  A 1 6 ? -10.363 11.362  -1.302  1.00 21.13 ? 6  DG  A "C3'" 1 
ATOM   107 O "O3'" . DG  A 1 6 ? -11.780 11.148  -1.096  1.00 23.30 ? 6  DG  A "O3'" 1 
ATOM   108 C "C2'" . DG  A 1 6 ? -9.554  12.447  -0.715  1.00 19.14 ? 6  DG  A "C2'" 1 
ATOM   109 C "C1'" . DG  A 1 6 ? -9.255  11.958  0.689   1.00 16.71 ? 6  DG  A "C1'" 1 
ATOM   110 N N9    . DG  A 1 6 ? -7.945  12.262  1.128   1.00 14.48 ? 6  DG  A N9    1 
ATOM   111 C C8    . DG  A 1 6 ? -6.999  12.716  0.301   1.00 14.26 ? 6  DG  A C8    1 
ATOM   112 N N7    . DG  A 1 6 ? -5.826  12.888  0.878   1.00 14.09 ? 6  DG  A N7    1 
ATOM   113 C C5    . DG  A 1 6 ? -6.078  12.558  2.178   1.00 12.74 ? 6  DG  A C5    1 
ATOM   114 C C6    . DG  A 1 6 ? -5.238  12.522  3.291   1.00 12.45 ? 6  DG  A C6    1 
ATOM   115 O O6    . DG  A 1 6 ? -3.992  12.815  3.288   1.00 12.82 ? 6  DG  A O6    1 
ATOM   116 N N1    . DG  A 1 6 ? -5.828  12.138  4.422   1.00 12.51 ? 6  DG  A N1    1 
ATOM   117 C C2    . DG  A 1 6 ? -7.092  11.791  4.476   1.00 11.46 ? 6  DG  A C2    1 
ATOM   118 N N2    . DG  A 1 6 ? -7.644  11.432  5.509   1.00 12.41 ? 6  DG  A N2    1 
ATOM   119 N N3    . DG  A 1 6 ? -7.984  11.760  3.503   1.00 12.81 ? 6  DG  A N3    1 
ATOM   120 C C4    . DG  A 1 6 ? -7.365  12.156  2.360   1.00 12.87 ? 6  DG  A C4    1 
HETATM 121 C C1    . DM3 B 2 . ? -2.413  -7.742  2.772   1.00 12.65 ? 7  DM3 A C1    1 
HETATM 122 C C2    . DM3 B 2 . ? -3.794  -8.108  2.864   1.00 12.64 ? 7  DM3 A C2    1 
HETATM 123 C C3    . DM3 B 2 . ? -4.642  -8.005  1.782   1.00 12.83 ? 7  DM3 A C3    1 
HETATM 124 C C4    . DM3 B 2 . ? -4.142  -7.511  0.599   1.00 12.52 ? 7  DM3 A C4    1 
HETATM 125 O O4    . DM3 B 2 . ? -4.976  -7.384  -0.514  1.00 14.79 ? 7  DM3 A O4    1 
HETATM 126 C C5    . DM3 B 2 . ? -2.775  -7.167  0.470   1.00 11.67 ? 7  DM3 A C5    1 
HETATM 127 C C6    . DM3 B 2 . ? -2.237  -6.657  -0.688  1.00 10.41 ? 7  DM3 A C6    1 
HETATM 128 O O6    . DM3 B 2 . ? -3.106  -6.565  -1.756  1.00 12.97 ? 7  DM3 A O6    1 
HETATM 129 C C7    . DM3 B 2 . ? -0.879  -6.303  -0.777  1.00 10.93 ? 7  DM3 A C7    1 
HETATM 130 C C8    . DM3 B 2 . ? -0.307  -5.791  -1.926  1.00 11.28 ? 7  DM3 A C8    1 
HETATM 131 O O8    . DM3 B 2 . ? -0.967  -5.560  -3.124  1.00 13.49 ? 7  DM3 A O8    1 
HETATM 132 C C9    . DM3 B 2 . ? 1.082   -5.490  -1.894  1.00 12.75 ? 7  DM3 A C9    1 
HETATM 133 C C10   . DM3 B 2 . ? 1.584   -4.936  -3.204  1.00 14.88 ? 7  DM3 A C10   1 
HETATM 134 O O10   . DM3 B 2 . ? 0.902   -3.597  -3.259  1.00 18.13 ? 7  DM3 A O10   1 
HETATM 135 C C11   . DM3 B 2 . ? 3.099   -4.817  -3.181  1.00 15.29 ? 7  DM3 A C11   1 
HETATM 136 C C12   . DM3 B 2 . ? 3.738   -4.462  -1.889  1.00 15.39 ? 7  DM3 A C12   1 
HETATM 137 O O12   . DM3 B 2 . ? 3.255   -3.038  -1.637  1.00 16.87 ? 7  DM3 A O12   1 
HETATM 138 C C13   . DM3 B 2 . ? 5.259   -4.199  -1.873  1.00 17.56 ? 7  DM3 A C13   1 
HETATM 139 O O13   . DM3 B 2 . ? 5.965   -5.158  -1.218  1.00 20.08 ? 7  DM3 A O13   1 
HETATM 140 C C14   . DM3 B 2 . ? 5.817   -2.902  -2.379  1.00 17.70 ? 7  DM3 A C14   1 
HETATM 141 C C15   . DM3 B 2 . ? 3.353   -5.322  -0.717  1.00 13.38 ? 7  DM3 A C15   1 
HETATM 142 C C16   . DM3 B 2 . ? 1.889   -5.639  -0.796  1.00 11.65 ? 7  DM3 A C16   1 
HETATM 143 C C17   . DM3 B 2 . ? 1.315   -6.123  0.381   1.00 11.16 ? 7  DM3 A C17   1 
HETATM 144 C C18   . DM3 B 2 . ? -0.066  -6.416  0.299   1.00 10.36 ? 7  DM3 A C18   1 
HETATM 145 C C19   . DM3 B 2 . ? -0.605  -6.916  1.498   1.00 11.06 ? 7  DM3 A C19   1 
HETATM 146 O O19   . DM3 B 2 . ? 0.111   -7.037  2.599   1.00 12.68 ? 7  DM3 A O19   1 
HETATM 147 C C20   . DM3 B 2 . ? -1.956  -7.271  1.541   1.00 10.99 ? 7  DM3 A C20   1 
HETATM 148 C C21   . DM3 B 2 . ? -6.350  -7.748  -0.286  1.00 14.75 ? 7  DM3 A C21   1 
HETATM 149 C "C1'" . DM3 B 2 . ? 0.533   -2.932  -4.465  1.00 18.97 ? 7  DM3 A "C1'" 1 
HETATM 150 C "C2'" . DM3 B 2 . ? -0.416  -1.772  -4.164  1.00 19.58 ? 7  DM3 A "C2'" 1 
HETATM 151 C "C3'" . DM3 B 2 . ? 0.388   -0.620  -3.621  1.00 19.93 ? 7  DM3 A "C3'" 1 
HETATM 152 N "N3'" . DM3 B 2 . ? -0.617  0.518   -3.669  1.00 19.92 ? 7  DM3 A "N3'" 1 
HETATM 153 C "C4'" . DM3 B 2 . ? 1.643   -0.178  -4.462  1.00 19.92 ? 7  DM3 A "C4'" 1 
HETATM 154 O "O4'" . DM3 B 2 . ? 1.155   0.277   -5.742  1.00 20.02 ? 7  DM3 A "O4'" 1 
HETATM 155 C "C5'" . DM3 B 2 . ? 2.534   -1.394  -4.649  1.00 20.17 ? 7  DM3 A "C5'" 1 
HETATM 156 O "O5'" . DM3 B 2 . ? 1.657   -2.474  -5.263  1.00 20.42 ? 7  DM3 A "O5'" 1 
HETATM 157 C "C6'" . DM3 B 2 . ? 3.778   -1.148  -5.475  1.00 19.99 ? 7  DM3 A "C6'" 1 
HETATM 158 O O     . HOH C 3 . ? -3.324  -0.960  -7.138  1.00 44.06 ? 8  HOH A O     1 
HETATM 159 O O     . HOH C 3 . ? -3.981  16.463  1.234   1.00 42.65 ? 9  HOH A O     1 
HETATM 160 O O     . HOH C 3 . ? -11.390 -1.605  8.298   1.00 32.98 ? 10 HOH A O     1 
HETATM 161 O O     . HOH C 3 . ? 5.445   -4.281  6.466   1.00 36.41 ? 11 HOH A O     1 
HETATM 162 O O     . HOH C 3 . ? -4.584  -8.814  -2.983  1.00 25.93 ? 12 HOH A O     1 
HETATM 163 O O     . HOH C 3 . ? 6.186   -8.172  -1.038  1.00 32.57 ? 13 HOH A O     1 
HETATM 164 O O     . HOH C 3 . ? -4.148  -10.970 -1.221  1.00 33.00 ? 14 HOH A O     1 
HETATM 165 O O     . HOH C 3 . ? 3.286   -4.429  -7.014  1.00 33.48 ? 15 HOH A O     1 
HETATM 166 O O     . HOH C 3 . ? -0.766  -8.857  6.057   1.00 63.61 ? 16 HOH A O     1 
HETATM 167 O O     . HOH C 3 . ? -1.645  1.201   -5.827  1.00 40.10 ? 17 HOH A O     1 
HETATM 168 O O     . HOH C 3 . ? 8.202   -2.499  -5.364  1.00 37.06 ? 18 HOH A O     1 
HETATM 169 O O     . HOH C 3 . ? -0.771  9.328   -3.741  1.00 25.18 ? 19 HOH A O     1 
HETATM 170 O O     . HOH C 3 . ? 8.663   -10.362 -1.866  1.00 55.71 ? 20 HOH A O     1 
HETATM 171 O O     . HOH C 3 . ? -1.694  -4.836  5.615   1.00 49.74 ? 21 HOH A O     1 
HETATM 172 O O     . HOH C 3 . ? -1.133  3.509   -11.535 1.00 40.63 ? 22 HOH A O     1 
HETATM 173 O O     . HOH C 3 . ? -6.960  -1.654  8.102   1.00 39.29 ? 23 HOH A O     1 
HETATM 174 O O     . HOH C 3 . ? -11.096 -4.853  7.924   1.00 34.92 ? 24 HOH A O     1 
HETATM 175 O O     . HOH C 3 . ? 1.596   -4.697  7.045   1.00 56.87 ? 25 HOH A O     1 
HETATM 176 O O     . HOH C 3 . ? 2.460   2.412   -7.217  1.00 35.55 ? 26 HOH A O     1 
HETATM 177 O O     . HOH C 3 . ? -4.209  -2.522  13.305  1.00 56.55 ? 27 HOH A O     1 
HETATM 178 O O     . HOH C 3 . ? -0.307  -1.750  -8.331  1.00 49.97 ? 28 HOH A O     1 
HETATM 179 O O     . HOH C 3 . ? -3.125  0.028   -3.040  1.00 29.05 ? 29 HOH A O     1 
HETATM 180 O O     . HOH C 3 . ? -1.671  2.378   -7.887  1.00 51.39 ? 30 HOH A O     1 
HETATM 181 O O     . HOH C 3 . ? 0.589   -0.701  5.868   1.00 30.91 ? 31 HOH A O     1 
HETATM 182 O O     . HOH C 3 . ? -2.478  -1.954  6.962   1.00 51.49 ? 32 HOH A O     1 
HETATM 183 O O     . HOH C 3 . ? 7.025   -12.005 5.468   1.00 58.11 ? 33 HOH A O     1 
HETATM 184 O O     . HOH C 3 . ? 10.852  -0.622  6.133   1.00 57.44 ? 34 HOH A O     1 
HETATM 185 O O     . HOH C 3 . ? 8.798   -5.348  -3.158  1.00 49.15 ? 35 HOH A O     1 
HETATM 186 O O     . HOH C 3 . ? -16.598 2.636   1.314   1.00 38.96 ? 36 HOH A O     1 
HETATM 187 O O     . HOH C 3 . ? 10.305  -4.303  6.981   1.00 56.57 ? 37 HOH A O     1 
HETATM 188 O O     . HOH C 3 . ? -2.966  1.908   -10.282 1.00 48.39 ? 38 HOH A O     1 
HETATM 189 O O     . HOH C 3 . ? -8.797  -9.340  -2.282  1.00 57.83 ? 39 HOH A O     1 
HETATM 190 O O     . HOH C 3 . ? 3.371   0.017   10.161  1.00 47.49 ? 40 HOH A O     1 
HETATM 191 O O     . HOH C 3 . ? -6.102  -11.650 -5.894  1.00 54.63 ? 41 HOH A O     1 
HETATM 192 O O     . HOH C 3 . ? -15.931 -1.414  -4.805  1.00 55.61 ? 42 HOH A O     1 
HETATM 193 O O     . HOH C 3 . ? 5.949   5.393   -0.796  1.00 50.16 ? 43 HOH A O     1 
HETATM 194 O O     . HOH C 3 . ? 4.315   6.060   -2.114  0.50 36.43 ? 44 HOH A O     1 
# 
